data_4LZK
#
_entry.id   4LZK
#
_cell.length_a   62.852
_cell.length_b   120.725
_cell.length_c   125.274
_cell.angle_alpha   90.00
_cell.angle_beta   90.00
_cell.angle_gamma   90.00
#
_symmetry.space_group_name_H-M   'P 21 21 21'
#
loop_
_entity.id
_entity.type
_entity.pdbx_description
1 polymer 'PixA inclusion body protein'
2 water water
#
_entity_poly.entity_id   1
_entity_poly.type   'polypeptide(L)'
_entity_poly.pdbx_seq_one_letter_code
;SNA(MSE)KVDPNSINLEKAAQSIQILAVIDTNYIKRSHPNPSLNAQNPTSIPSTALF(MSE)LNGHAPGVSSSEGNGNL
GLKLNVGDKVSL(MSE)GTSLADNSGDAALIYHVQQYSGAQVFAPFTAVTIEQAGAASAAETPDLIATSAQSQVFQAFES
VAKSAGSEYLATSFALYTRSQNRKSLFGYFFWVWQAAAA
;
_entity_poly.pdbx_strand_id   A,B,C,D,E,F
#
# COMPACT_ATOMS: atom_id res chain seq x y z
N SER A 10 -27.65 3.50 -25.10
CA SER A 10 -26.61 2.47 -25.25
C SER A 10 -25.24 3.10 -25.49
N ILE A 11 -24.33 3.00 -24.52
CA ILE A 11 -23.13 3.76 -24.74
C ILE A 11 -21.96 2.90 -25.10
N ASN A 12 -21.14 3.37 -26.03
CA ASN A 12 -20.13 2.56 -26.75
C ASN A 12 -18.79 2.87 -26.08
N LEU A 13 -18.25 1.92 -25.32
CA LEU A 13 -16.99 2.08 -24.63
C LEU A 13 -15.82 1.62 -25.51
N GLU A 14 -16.12 0.87 -26.57
CA GLU A 14 -15.11 0.33 -27.49
C GLU A 14 -14.07 -0.51 -26.78
N LYS A 15 -14.52 -1.43 -25.96
CA LYS A 15 -13.65 -2.33 -25.32
C LYS A 15 -12.94 -3.14 -26.40
N ALA A 16 -11.64 -3.26 -26.29
CA ALA A 16 -10.84 -4.21 -27.11
C ALA A 16 -9.65 -4.72 -26.28
N ALA A 17 -8.90 -5.67 -26.85
CA ALA A 17 -7.78 -6.29 -26.13
C ALA A 17 -6.76 -5.26 -25.79
N GLN A 18 -6.20 -5.32 -24.59
CA GLN A 18 -5.07 -4.54 -24.21
C GLN A 18 -3.78 -5.34 -24.37
N SER A 19 -2.69 -4.61 -24.44
CA SER A 19 -1.35 -5.17 -24.49
C SER A 19 -0.58 -4.64 -23.27
N ILE A 20 -0.37 -5.45 -22.25
CA ILE A 20 0.13 -4.98 -20.99
C ILE A 20 1.62 -5.35 -20.91
N GLN A 21 2.47 -4.39 -20.59
CA GLN A 21 3.91 -4.71 -20.37
C GLN A 21 4.14 -4.92 -18.83
N ILE A 22 4.76 -6.01 -18.47
CA ILE A 22 5.05 -6.35 -17.06
C ILE A 22 6.59 -6.41 -16.90
N LEU A 23 7.14 -5.74 -15.87
CA LEU A 23 8.55 -5.76 -15.60
C LEU A 23 8.76 -6.28 -14.20
N ALA A 24 9.48 -7.33 -14.05
CA ALA A 24 9.87 -7.82 -12.76
C ALA A 24 11.27 -7.31 -12.44
N VAL A 25 11.42 -6.62 -11.30
CA VAL A 25 12.67 -6.06 -10.90
C VAL A 25 13.12 -6.79 -9.62
N ILE A 26 14.24 -7.49 -9.76
CA ILE A 26 14.73 -8.46 -8.81
C ILE A 26 15.86 -7.89 -7.94
N ASP A 27 15.71 -8.00 -6.62
CA ASP A 27 16.77 -7.51 -5.67
C ASP A 27 17.84 -8.62 -5.57
N THR A 28 18.75 -8.62 -6.52
CA THR A 28 19.76 -9.66 -6.59
C THR A 28 20.71 -9.65 -5.38
N ASN A 29 20.97 -8.48 -4.83
CA ASN A 29 21.87 -8.48 -3.61
C ASN A 29 21.18 -9.14 -2.41
N TYR A 30 19.90 -8.89 -2.26
CA TYR A 30 19.06 -9.61 -1.27
C TYR A 30 19.07 -11.13 -1.49
N ILE A 31 18.85 -11.56 -2.71
CA ILE A 31 18.86 -12.98 -3.01
CA ILE A 31 18.83 -12.99 -2.98
C ILE A 31 20.18 -13.62 -2.63
N LYS A 32 21.26 -12.98 -3.02
CA LYS A 32 22.57 -13.61 -2.87
C LYS A 32 22.90 -13.82 -1.38
N ARG A 33 22.49 -12.85 -0.57
CA ARG A 33 22.67 -12.86 0.87
C ARG A 33 21.81 -13.90 1.52
N SER A 34 20.57 -14.05 1.07
CA SER A 34 19.66 -14.95 1.79
C SER A 34 19.68 -16.37 1.21
N HIS A 35 20.26 -16.57 0.04
CA HIS A 35 20.28 -17.92 -0.55
C HIS A 35 21.64 -18.18 -1.04
N PRO A 36 22.61 -18.29 -0.12
CA PRO A 36 24.03 -18.33 -0.45
C PRO A 36 24.46 -19.61 -1.19
N ASN A 37 23.74 -20.72 -1.02
CA ASN A 37 24.00 -21.97 -1.77
C ASN A 37 22.74 -22.44 -2.50
N PRO A 38 22.36 -21.71 -3.57
CA PRO A 38 21.17 -22.08 -4.26
C PRO A 38 21.36 -23.23 -5.21
N SER A 39 20.27 -23.61 -5.84
CA SER A 39 20.27 -24.50 -6.90
C SER A 39 21.08 -24.07 -8.08
N LEU A 40 21.84 -25.05 -8.64
CA LEU A 40 22.54 -24.87 -9.86
C LEU A 40 21.92 -25.75 -10.91
N ASN A 41 20.75 -26.28 -10.63
CA ASN A 41 20.00 -27.04 -11.62
C ASN A 41 18.84 -26.26 -12.18
N ALA A 42 18.92 -25.91 -13.46
CA ALA A 42 17.85 -25.13 -14.06
C ALA A 42 16.47 -25.86 -14.12
N GLN A 43 16.45 -27.19 -14.03
CA GLN A 43 15.24 -27.97 -14.01
C GLN A 43 14.67 -28.00 -12.64
N ASN A 44 15.40 -27.48 -11.64
CA ASN A 44 14.98 -27.51 -10.24
C ASN A 44 15.31 -26.20 -9.44
N PRO A 45 14.71 -25.08 -9.85
CA PRO A 45 15.14 -23.79 -9.28
C PRO A 45 14.76 -23.63 -7.82
N THR A 46 15.45 -22.74 -7.16
CA THR A 46 15.22 -22.43 -5.78
C THR A 46 14.07 -21.45 -5.65
N SER A 47 13.15 -21.76 -4.76
CA SER A 47 12.02 -20.86 -4.48
C SER A 47 12.51 -19.62 -3.79
N ILE A 48 12.07 -18.45 -4.22
CA ILE A 48 12.35 -17.24 -3.45
C ILE A 48 11.03 -16.57 -3.09
N PRO A 49 10.99 -15.86 -1.96
CA PRO A 49 9.75 -15.20 -1.58
C PRO A 49 9.53 -13.95 -2.45
N SER A 50 8.26 -13.55 -2.56
CA SER A 50 7.91 -12.34 -3.31
C SER A 50 8.48 -11.10 -2.70
N THR A 51 8.96 -11.13 -1.48
CA THR A 51 9.63 -9.95 -0.89
C THR A 51 10.93 -9.58 -1.58
N ALA A 52 11.50 -10.48 -2.36
CA ALA A 52 12.80 -10.25 -2.96
C ALA A 52 12.74 -9.55 -4.33
N LEU A 53 11.57 -9.30 -4.83
CA LEU A 53 11.44 -8.58 -6.10
C LEU A 53 10.25 -7.70 -6.11
N PHE A 54 10.13 -6.92 -7.19
CA PHE A 54 9.05 -5.98 -7.40
C PHE A 54 8.51 -6.16 -8.84
N MSE A 55 7.21 -6.16 -8.99
CA MSE A 55 6.60 -6.31 -10.30
C MSE A 55 5.81 -5.07 -10.63
O MSE A 55 5.07 -4.47 -9.78
CB MSE A 55 5.73 -7.55 -10.33
CG MSE A 55 6.56 -8.91 -10.13
SE MSE A 55 5.42 -10.42 -10.65
CE MSE A 55 5.43 -10.25 -12.60
N LEU A 56 5.91 -4.65 -11.86
CA LEU A 56 5.26 -3.38 -12.28
C LEU A 56 4.54 -3.68 -13.59
N ASN A 57 3.44 -3.01 -13.85
CA ASN A 57 2.83 -3.10 -15.18
C ASN A 57 2.29 -1.76 -15.62
N GLY A 58 2.22 -1.57 -16.93
CA GLY A 58 1.58 -0.35 -17.43
C GLY A 58 0.08 -0.35 -17.24
N HIS A 59 -0.45 0.83 -16.99
CA HIS A 59 -1.88 0.98 -16.78
C HIS A 59 -2.67 0.80 -18.10
N ALA A 60 -3.93 0.40 -17.98
CA ALA A 60 -4.83 0.22 -19.11
C ALA A 60 -6.26 0.07 -18.58
N PRO A 61 -7.27 0.34 -19.44
CA PRO A 61 -8.65 0.24 -19.03
C PRO A 61 -9.03 -1.14 -18.45
N GLY A 62 -9.48 -1.16 -17.25
CA GLY A 62 -9.87 -2.41 -16.63
C GLY A 62 -8.71 -3.29 -16.17
N VAL A 63 -7.47 -2.76 -16.16
CA VAL A 63 -6.35 -3.55 -15.63
C VAL A 63 -5.94 -2.89 -14.30
N SER A 64 -5.72 -3.72 -13.28
CA SER A 64 -5.21 -3.17 -12.02
C SER A 64 -4.18 -4.11 -11.43
N SER A 65 -3.44 -3.64 -10.46
CA SER A 65 -2.46 -4.48 -9.80
C SER A 65 -2.05 -3.84 -8.52
N SER A 66 -1.31 -4.58 -7.70
CA SER A 66 -0.58 -3.99 -6.55
C SER A 66 0.80 -3.54 -6.93
N GLU A 67 0.96 -2.30 -7.39
CA GLU A 67 2.16 -1.95 -8.19
C GLU A 67 3.35 -1.98 -7.24
N GLY A 68 4.40 -2.68 -7.62
CA GLY A 68 5.61 -2.71 -6.83
C GLY A 68 5.63 -4.03 -6.03
N ASN A 69 4.49 -4.59 -5.70
CA ASN A 69 4.53 -5.88 -5.01
C ASN A 69 5.09 -7.05 -5.88
N GLY A 70 5.93 -7.90 -5.30
CA GLY A 70 6.47 -9.10 -5.96
C GLY A 70 5.43 -10.08 -6.44
N ASN A 71 4.28 -10.10 -5.75
CA ASN A 71 3.15 -10.93 -6.14
C ASN A 71 2.29 -10.43 -7.29
N LEU A 72 2.41 -9.15 -7.54
CA LEU A 72 1.68 -8.36 -8.54
C LEU A 72 0.13 -8.25 -8.33
N GLY A 73 -0.58 -9.33 -8.17
CA GLY A 73 -2.07 -9.37 -7.97
C GLY A 73 -2.67 -8.67 -9.22
N LEU A 74 -2.27 -9.14 -10.43
CA LEU A 74 -2.69 -8.54 -11.67
C LEU A 74 -4.18 -8.87 -11.94
N LYS A 75 -5.02 -7.89 -12.23
CA LYS A 75 -6.37 -8.19 -12.58
C LYS A 75 -6.62 -7.59 -13.97
N LEU A 76 -6.92 -8.41 -14.99
CA LEU A 76 -7.12 -7.87 -16.29
C LEU A 76 -8.33 -8.49 -16.99
N ASN A 77 -8.56 -8.14 -18.24
CA ASN A 77 -9.66 -8.59 -19.00
C ASN A 77 -9.28 -9.85 -19.79
N VAL A 78 -10.23 -10.78 -19.89
CA VAL A 78 -10.16 -11.83 -20.91
C VAL A 78 -9.92 -11.23 -22.30
N GLY A 79 -8.92 -11.76 -23.02
CA GLY A 79 -8.51 -11.19 -24.31
C GLY A 79 -7.19 -10.41 -24.23
N ASP A 80 -6.82 -9.93 -23.04
CA ASP A 80 -5.61 -9.08 -22.91
C ASP A 80 -4.33 -9.89 -23.13
N LYS A 81 -3.39 -9.24 -23.77
CA LYS A 81 -2.02 -9.79 -23.99
C LYS A 81 -1.13 -9.34 -22.86
N VAL A 82 -0.20 -10.16 -22.44
CA VAL A 82 0.83 -9.69 -21.50
C VAL A 82 2.21 -9.97 -22.05
N SER A 83 3.16 -9.12 -21.68
CA SER A 83 4.56 -9.36 -22.11
C SER A 83 5.43 -9.11 -20.90
N LEU A 84 6.07 -10.17 -20.37
CA LEU A 84 6.86 -10.12 -19.16
C LEU A 84 8.37 -10.07 -19.45
N MSE A 85 9.08 -9.18 -18.79
CA MSE A 85 10.56 -9.11 -18.83
C MSE A 85 11.11 -8.98 -17.44
O MSE A 85 10.36 -8.65 -16.49
CB MSE A 85 11.01 -7.90 -19.65
CG MSE A 85 10.37 -7.91 -21.02
SE MSE A 85 11.15 -6.56 -22.14
CE MSE A 85 13.06 -6.86 -21.99
N GLY A 86 12.39 -9.25 -17.26
CA GLY A 86 12.97 -9.21 -15.96
C GLY A 86 14.35 -8.59 -15.97
N THR A 87 14.69 -7.95 -14.87
CA THR A 87 15.95 -7.29 -14.75
C THR A 87 16.27 -7.06 -13.29
N SER A 88 17.47 -6.59 -12.96
CA SER A 88 17.87 -6.36 -11.55
C SER A 88 17.62 -4.89 -11.21
N LEU A 89 17.80 -4.51 -9.96
CA LEU A 89 17.72 -3.09 -9.54
C LEU A 89 18.76 -2.20 -10.23
N ALA A 90 19.84 -2.81 -10.74
CA ALA A 90 20.86 -2.07 -11.48
C ALA A 90 20.71 -2.42 -12.95
N ASP A 91 19.49 -2.82 -13.33
CA ASP A 91 19.16 -3.00 -14.73
C ASP A 91 20.06 -4.01 -15.45
N ASN A 92 20.46 -5.04 -14.71
CA ASN A 92 21.29 -6.12 -15.28
C ASN A 92 22.67 -5.62 -15.75
N SER A 93 23.14 -4.55 -15.20
CA SER A 93 24.41 -4.01 -15.60
C SER A 93 25.56 -4.59 -14.81
N GLY A 94 25.29 -5.16 -13.63
CA GLY A 94 26.29 -5.85 -12.79
C GLY A 94 25.94 -7.32 -12.61
N ASP A 95 25.33 -7.68 -11.47
CA ASP A 95 24.52 -8.88 -11.38
C ASP A 95 23.51 -8.83 -12.52
N ALA A 96 23.06 -9.99 -12.97
CA ALA A 96 21.97 -9.99 -13.92
C ALA A 96 20.93 -11.04 -13.54
N ALA A 97 19.65 -10.68 -13.70
CA ALA A 97 18.54 -11.59 -13.52
C ALA A 97 17.88 -11.79 -14.86
N LEU A 98 17.88 -13.04 -15.39
CA LEU A 98 17.34 -13.34 -16.70
C LEU A 98 16.28 -14.48 -16.67
N ILE A 99 15.05 -14.12 -16.93
CA ILE A 99 13.92 -15.07 -17.03
C ILE A 99 14.21 -16.14 -18.09
N TYR A 100 13.99 -17.38 -17.71
CA TYR A 100 14.02 -18.43 -18.74
C TYR A 100 12.78 -19.26 -18.90
N HIS A 101 11.75 -19.10 -18.07
CA HIS A 101 10.54 -19.91 -18.20
C HIS A 101 9.40 -19.33 -17.34
N VAL A 102 8.21 -19.47 -17.85
CA VAL A 102 6.97 -19.10 -17.12
C VAL A 102 6.02 -20.25 -17.19
N GLN A 103 5.44 -20.67 -16.07
CA GLN A 103 4.48 -21.80 -16.12
C GLN A 103 3.37 -21.67 -15.07
N GLN A 104 2.27 -22.40 -15.25
CA GLN A 104 1.21 -22.48 -14.27
C GLN A 104 1.75 -23.08 -12.99
N TYR A 105 1.39 -22.48 -11.87
CA TYR A 105 1.67 -23.03 -10.57
C TYR A 105 0.42 -23.47 -9.83
N SER A 106 -0.61 -22.62 -9.84
CA SER A 106 -1.89 -22.94 -9.22
C SER A 106 -3.01 -22.39 -10.04
N GLY A 107 -4.20 -22.93 -9.87
CA GLY A 107 -5.39 -22.20 -10.34
C GLY A 107 -5.78 -22.59 -11.74
N ALA A 108 -6.58 -21.76 -12.37
CA ALA A 108 -7.14 -22.09 -13.65
C ALA A 108 -6.15 -21.80 -14.70
N GLN A 109 -6.37 -22.28 -15.91
CA GLN A 109 -5.48 -21.95 -17.00
C GLN A 109 -5.99 -20.66 -17.69
N VAL A 110 -5.86 -19.54 -16.99
CA VAL A 110 -6.22 -18.24 -17.50
C VAL A 110 -5.36 -17.88 -18.71
N PHE A 111 -4.05 -18.07 -18.58
CA PHE A 111 -3.12 -17.72 -19.62
C PHE A 111 -2.77 -18.86 -20.59
N ALA A 112 -2.60 -18.54 -21.87
CA ALA A 112 -2.05 -19.52 -22.83
C ALA A 112 -0.64 -19.79 -22.40
N PRO A 113 -0.04 -20.92 -22.83
CA PRO A 113 1.37 -21.13 -22.55
C PRO A 113 2.18 -20.00 -23.00
N PHE A 114 3.16 -19.59 -22.20
CA PHE A 114 3.97 -18.42 -22.54
C PHE A 114 4.92 -18.72 -23.68
N THR A 115 5.21 -17.73 -24.51
CA THR A 115 6.19 -17.99 -25.56
C THR A 115 7.24 -16.91 -25.47
N ALA A 116 8.49 -17.31 -25.61
CA ALA A 116 9.63 -16.42 -25.54
C ALA A 116 9.74 -15.68 -26.83
N VAL A 117 9.96 -14.39 -26.75
CA VAL A 117 10.27 -13.55 -27.91
C VAL A 117 11.61 -12.87 -27.74
N THR A 118 12.37 -12.85 -28.79
CA THR A 118 13.69 -12.22 -28.82
C THR A 118 13.54 -10.83 -29.33
N ILE A 119 14.19 -9.86 -28.68
CA ILE A 119 14.12 -8.57 -29.21
C ILE A 119 15.55 -8.04 -29.49
N GLU A 120 15.77 -7.69 -30.76
CA GLU A 120 17.08 -7.33 -31.32
C GLU A 120 17.43 -5.85 -31.21
N GLN A 121 18.73 -5.60 -31.33
CA GLN A 121 19.42 -4.37 -30.83
C GLN A 121 18.62 -3.08 -30.72
N GLN A 141 22.35 -5.66 -25.39
CA GLN A 141 21.79 -5.36 -26.70
C GLN A 141 20.62 -6.35 -27.06
N VAL A 142 20.71 -7.63 -26.67
CA VAL A 142 19.64 -8.60 -27.03
C VAL A 142 18.79 -8.85 -25.81
N PHE A 143 17.48 -8.85 -25.99
CA PHE A 143 16.56 -8.99 -24.88
C PHE A 143 15.58 -10.08 -25.21
N GLN A 144 14.86 -10.49 -24.19
CA GLN A 144 13.86 -11.48 -24.37
C GLN A 144 12.64 -11.16 -23.49
N ALA A 145 11.45 -11.49 -23.95
CA ALA A 145 10.22 -11.20 -23.26
C ALA A 145 9.40 -12.43 -23.35
N PHE A 146 8.48 -12.63 -22.41
CA PHE A 146 7.70 -13.81 -22.35
C PHE A 146 6.28 -13.39 -22.43
N GLU A 147 5.58 -13.91 -23.43
CA GLU A 147 4.29 -13.34 -23.87
C GLU A 147 3.19 -14.33 -23.79
N SER A 148 1.98 -13.83 -23.56
CA SER A 148 0.85 -14.71 -23.49
C SER A 148 -0.42 -13.87 -23.64
N VAL A 149 -1.53 -14.55 -23.57
CA VAL A 149 -2.84 -13.92 -23.71
C VAL A 149 -3.78 -14.57 -22.72
N ALA A 150 -4.65 -13.78 -22.10
CA ALA A 150 -5.55 -14.28 -21.12
C ALA A 150 -6.74 -14.84 -21.88
N LYS A 151 -6.84 -16.15 -22.01
CA LYS A 151 -7.91 -16.65 -22.84
C LYS A 151 -9.08 -17.17 -22.08
N SER A 152 -8.97 -17.28 -20.77
CA SER A 152 -10.11 -17.76 -19.98
C SER A 152 -10.27 -16.93 -18.73
N ALA A 153 -11.46 -16.87 -18.20
CA ALA A 153 -11.67 -16.18 -16.92
C ALA A 153 -11.26 -17.06 -15.73
N GLY A 154 -10.77 -16.44 -14.67
CA GLY A 154 -10.51 -17.14 -13.42
C GLY A 154 -9.24 -16.59 -12.79
N SER A 155 -8.70 -17.29 -11.80
CA SER A 155 -7.51 -16.86 -11.10
C SER A 155 -6.39 -17.88 -11.34
N GLU A 156 -5.18 -17.40 -11.65
CA GLU A 156 -4.06 -18.26 -11.90
C GLU A 156 -2.83 -17.78 -11.18
N TYR A 157 -2.05 -18.68 -10.59
CA TYR A 157 -0.78 -18.30 -10.02
C TYR A 157 0.28 -18.85 -10.99
N LEU A 158 1.29 -18.05 -11.26
CA LEU A 158 2.28 -18.37 -12.32
C LEU A 158 3.62 -18.40 -11.66
N ALA A 159 4.45 -19.36 -12.04
CA ALA A 159 5.81 -19.43 -11.55
C ALA A 159 6.78 -18.98 -12.63
N THR A 160 7.68 -18.06 -12.33
CA THR A 160 8.65 -17.51 -13.29
C THR A 160 10.00 -17.92 -12.79
N SER A 161 10.73 -18.75 -13.60
CA SER A 161 12.07 -19.15 -13.31
C SER A 161 13.13 -18.24 -13.96
N PHE A 162 14.23 -17.95 -13.24
CA PHE A 162 15.27 -17.07 -13.78
C PHE A 162 16.62 -17.51 -13.33
N ALA A 163 17.62 -17.15 -14.13
CA ALA A 163 19.03 -17.37 -13.78
C ALA A 163 19.62 -16.07 -13.21
N LEU A 164 20.40 -16.17 -12.17
CA LEU A 164 21.03 -15.02 -11.55
C LEU A 164 22.57 -15.19 -11.75
N TYR A 165 23.20 -14.21 -12.41
CA TYR A 165 24.64 -14.14 -12.69
C TYR A 165 25.26 -13.04 -11.91
N THR A 166 26.51 -13.24 -11.47
CA THR A 166 27.26 -12.15 -10.89
C THR A 166 28.34 -11.80 -11.86
N ARG A 167 28.94 -10.65 -11.63
CA ARG A 167 29.86 -10.12 -12.55
C ARG A 167 31.14 -10.02 -11.80
N SER A 168 32.20 -10.52 -12.39
CA SER A 168 33.52 -10.54 -11.76
C SER A 168 34.48 -10.21 -12.89
N GLN A 169 35.24 -9.14 -12.78
CA GLN A 169 36.25 -8.81 -13.81
C GLN A 169 35.73 -8.79 -15.25
N ASN A 170 34.63 -8.06 -15.48
CA ASN A 170 34.06 -7.94 -16.80
C ASN A 170 33.59 -9.28 -17.40
N ARG A 171 33.52 -10.31 -16.55
CA ARG A 171 32.94 -11.57 -16.92
C ARG A 171 31.75 -12.00 -15.98
N LYS A 172 30.70 -12.52 -16.58
CA LYS A 172 29.59 -13.15 -15.87
C LYS A 172 29.79 -14.59 -15.41
N SER A 173 29.24 -14.92 -14.24
CA SER A 173 29.33 -16.23 -13.61
C SER A 173 27.97 -16.58 -13.07
N LEU A 174 27.58 -17.82 -13.21
CA LEU A 174 26.26 -18.25 -12.71
C LEU A 174 26.32 -18.24 -11.17
N PHE A 175 25.31 -17.67 -10.55
CA PHE A 175 25.16 -17.72 -9.12
C PHE A 175 24.12 -18.82 -8.82
N GLY A 176 22.99 -18.84 -9.55
CA GLY A 176 22.00 -19.85 -9.28
C GLY A 176 20.73 -19.71 -10.08
N TYR A 177 19.83 -20.65 -9.93
CA TYR A 177 18.61 -20.65 -10.69
C TYR A 177 17.50 -20.58 -9.69
N PHE A 178 16.60 -19.66 -9.92
CA PHE A 178 15.53 -19.39 -8.91
C PHE A 178 14.17 -19.31 -9.56
N PHE A 179 13.11 -19.37 -8.74
CA PHE A 179 11.77 -19.02 -9.20
C PHE A 179 10.91 -18.28 -8.19
N TRP A 180 10.02 -17.44 -8.69
CA TRP A 180 9.01 -16.80 -7.80
C TRP A 180 7.62 -17.11 -8.34
N VAL A 181 6.61 -16.98 -7.48
CA VAL A 181 5.27 -17.29 -7.84
C VAL A 181 4.44 -15.94 -7.76
N TRP A 182 3.75 -15.59 -8.82
CA TRP A 182 2.88 -14.39 -8.78
C TRP A 182 1.42 -14.74 -9.17
N GLN A 183 0.53 -13.81 -8.97
CA GLN A 183 -0.92 -14.04 -9.02
C GLN A 183 -1.56 -13.10 -10.05
N ALA A 184 -2.49 -13.64 -10.83
CA ALA A 184 -3.15 -12.90 -11.89
C ALA A 184 -4.61 -13.41 -11.95
N ALA A 185 -5.51 -12.60 -12.48
CA ALA A 185 -6.91 -12.98 -12.59
C ALA A 185 -7.42 -12.24 -13.85
N ALA A 186 -8.31 -12.90 -14.59
CA ALA A 186 -8.93 -12.25 -15.74
C ALA A 186 -10.42 -12.34 -15.58
N ALA A 187 -11.13 -11.30 -16.04
CA ALA A 187 -12.60 -11.27 -16.05
C ALA A 187 -13.11 -11.07 -17.50
N ALA B 3 24.96 -22.48 -23.97
CA ALA B 3 23.98 -23.30 -24.75
C ALA B 3 23.64 -24.62 -24.06
N MSE B 4 23.59 -24.68 -22.75
CA MSE B 4 23.12 -25.89 -22.08
C MSE B 4 21.64 -26.15 -22.34
O MSE B 4 20.81 -25.23 -22.27
CB MSE B 4 23.40 -25.79 -20.57
CG MSE B 4 23.16 -27.08 -19.85
SE MSE B 4 22.86 -26.57 -18.02
CE MSE B 4 21.83 -24.90 -18.07
N LYS B 5 21.30 -27.40 -22.65
CA LYS B 5 19.91 -27.76 -22.94
C LYS B 5 19.11 -27.69 -21.68
N VAL B 6 18.06 -26.88 -21.67
CA VAL B 6 17.13 -26.91 -20.60
C VAL B 6 15.84 -27.40 -21.21
N ASP B 7 15.21 -28.38 -20.57
CA ASP B 7 13.92 -28.86 -21.06
C ASP B 7 12.76 -28.07 -20.40
N PRO B 8 12.10 -27.25 -21.17
CA PRO B 8 11.00 -26.35 -20.63
C PRO B 8 9.83 -27.12 -20.09
N ASN B 9 9.77 -28.43 -20.36
CA ASN B 9 8.66 -29.23 -19.88
C ASN B 9 8.93 -30.03 -18.65
N SER B 10 10.15 -29.99 -18.12
CA SER B 10 10.41 -30.63 -16.82
C SER B 10 11.15 -29.69 -15.85
N ILE B 11 10.67 -28.47 -15.76
CA ILE B 11 11.15 -27.58 -14.74
C ILE B 11 10.30 -27.87 -13.53
N ASN B 12 10.88 -28.54 -12.55
CA ASN B 12 10.13 -28.97 -11.41
C ASN B 12 10.27 -28.05 -10.19
N LEU B 13 9.12 -27.58 -9.69
CA LEU B 13 9.06 -26.55 -8.62
C LEU B 13 8.82 -27.11 -7.23
N GLU B 14 8.65 -28.42 -7.16
CA GLU B 14 8.39 -29.11 -5.87
C GLU B 14 7.35 -28.35 -4.98
N LYS B 15 6.18 -28.09 -5.58
CA LYS B 15 5.07 -27.50 -4.87
C LYS B 15 4.64 -28.39 -3.73
N ALA B 16 4.49 -27.84 -2.55
CA ALA B 16 4.06 -28.61 -1.38
C ALA B 16 3.08 -27.69 -0.66
N ALA B 17 2.20 -28.30 0.13
CA ALA B 17 1.25 -27.53 0.93
C ALA B 17 2.01 -26.68 1.92
N GLN B 18 1.61 -25.43 2.12
CA GLN B 18 2.29 -24.56 3.10
C GLN B 18 1.48 -24.52 4.37
N SER B 19 2.14 -24.35 5.52
CA SER B 19 1.45 -24.08 6.75
C SER B 19 1.58 -22.61 6.97
N ILE B 20 0.47 -21.89 6.86
CA ILE B 20 0.52 -20.46 7.02
C ILE B 20 0.13 -20.08 8.44
N GLN B 21 0.98 -19.39 9.14
CA GLN B 21 0.60 -18.86 10.46
C GLN B 21 0.04 -17.45 10.31
N ILE B 22 -1.10 -17.22 10.93
CA ILE B 22 -1.83 -15.94 10.87
C ILE B 22 -2.03 -15.46 12.29
N LEU B 23 -1.69 -14.21 12.53
CA LEU B 23 -1.91 -13.57 13.83
C LEU B 23 -2.88 -12.43 13.69
N ALA B 24 -3.96 -12.46 14.43
CA ALA B 24 -4.84 -11.35 14.54
C ALA B 24 -4.44 -10.53 15.72
N VAL B 25 -4.19 -9.24 15.49
CA VAL B 25 -3.79 -8.34 16.61
C VAL B 25 -4.89 -7.30 16.79
N ILE B 26 -5.55 -7.39 17.93
CA ILE B 26 -6.76 -6.63 18.20
C ILE B 26 -6.51 -5.39 19.06
N ASP B 27 -6.97 -4.25 18.61
CA ASP B 27 -6.79 -3.01 19.39
C ASP B 27 -7.89 -2.94 20.42
N THR B 28 -7.65 -3.56 21.57
CA THR B 28 -8.66 -3.79 22.52
C THR B 28 -9.09 -2.46 23.16
N ASN B 29 -8.19 -1.52 23.20
CA ASN B 29 -8.52 -0.21 23.76
C ASN B 29 -9.54 0.51 22.90
N TYR B 30 -9.41 0.37 21.60
CA TYR B 30 -10.37 0.94 20.70
C TYR B 30 -11.79 0.29 20.81
N ILE B 31 -11.83 -1.03 20.90
CA ILE B 31 -13.06 -1.79 21.09
CA ILE B 31 -13.08 -1.74 21.04
C ILE B 31 -13.83 -1.32 22.33
N LYS B 32 -13.11 -1.18 23.43
CA LYS B 32 -13.77 -0.81 24.70
C LYS B 32 -14.39 0.57 24.58
N ARG B 33 -13.73 1.49 23.88
CA ARG B 33 -14.20 2.87 23.81
C ARG B 33 -15.35 2.87 22.86
N SER B 34 -15.25 2.14 21.74
CA SER B 34 -16.24 2.28 20.66
C SER B 34 -17.41 1.28 20.78
N HIS B 35 -17.30 0.31 21.67
CA HIS B 35 -18.32 -0.69 21.84
C HIS B 35 -18.57 -0.85 23.32
N PRO B 36 -19.04 0.23 23.95
CA PRO B 36 -19.15 0.22 25.41
C PRO B 36 -20.25 -0.73 25.94
N ASN B 37 -21.22 -1.13 25.12
CA ASN B 37 -22.28 -2.08 25.56
C ASN B 37 -22.31 -3.35 24.74
N PRO B 38 -21.30 -4.18 24.89
CA PRO B 38 -21.21 -5.37 24.01
C PRO B 38 -22.03 -6.50 24.51
N SER B 39 -22.15 -7.54 23.68
CA SER B 39 -22.78 -8.76 24.08
C SER B 39 -22.03 -9.53 25.11
N LEU B 40 -22.77 -10.10 26.06
CA LEU B 40 -22.23 -10.91 27.11
C LEU B 40 -22.70 -12.32 26.91
N ASN B 41 -23.19 -12.57 25.70
CA ASN B 41 -23.65 -13.86 25.30
C ASN B 41 -22.78 -14.31 24.09
N ALA B 42 -22.08 -15.40 24.30
CA ALA B 42 -21.07 -15.86 23.37
C ALA B 42 -21.65 -16.49 22.11
N GLN B 43 -22.90 -16.91 22.14
CA GLN B 43 -23.59 -17.39 20.93
C GLN B 43 -24.10 -16.24 20.11
N ASN B 44 -24.08 -15.00 20.65
CA ASN B 44 -24.48 -13.82 19.89
C ASN B 44 -23.43 -12.72 20.01
N PRO B 45 -22.27 -12.90 19.37
CA PRO B 45 -21.23 -11.91 19.61
C PRO B 45 -21.55 -10.59 18.85
N THR B 46 -20.95 -9.50 19.30
CA THR B 46 -21.10 -8.22 18.78
C THR B 46 -20.12 -8.01 17.57
N SER B 47 -20.64 -7.52 16.47
CA SER B 47 -19.84 -7.17 15.26
C SER B 47 -18.90 -5.99 15.47
N ILE B 48 -17.65 -6.13 15.08
CA ILE B 48 -16.71 -5.04 15.11
C ILE B 48 -16.13 -4.85 13.71
N PRO B 49 -15.79 -3.61 13.37
CA PRO B 49 -15.26 -3.39 12.01
C PRO B 49 -13.86 -3.93 11.87
N SER B 50 -13.42 -4.29 10.66
CA SER B 50 -12.10 -4.85 10.53
C SER B 50 -11.03 -3.78 10.80
N THR B 51 -11.44 -2.50 10.88
CA THR B 51 -10.59 -1.41 11.30
CA THR B 51 -10.50 -1.48 11.28
C THR B 51 -10.10 -1.49 12.75
N ALA B 52 -10.77 -2.28 13.54
CA ALA B 52 -10.41 -2.42 14.92
C ALA B 52 -9.21 -3.30 15.17
N LEU B 53 -8.67 -3.93 14.09
CA LEU B 53 -7.68 -4.96 14.28
C LEU B 53 -6.75 -5.05 13.08
N PHE B 54 -5.70 -5.82 13.23
CA PHE B 54 -4.70 -6.00 12.14
C PHE B 54 -4.57 -7.49 11.95
N MSE B 55 -4.37 -7.95 10.75
CA MSE B 55 -4.03 -9.36 10.58
C MSE B 55 -2.72 -9.52 9.84
O MSE B 55 -2.49 -8.85 8.88
CB MSE B 55 -5.18 -10.12 9.82
CG MSE B 55 -6.43 -10.18 10.59
SE MSE B 55 -7.81 -11.23 9.75
CE MSE B 55 -7.23 -13.00 10.20
N LEU B 56 -1.90 -10.46 10.25
CA LEU B 56 -0.57 -10.68 9.66
C LEU B 56 -0.41 -12.14 9.31
N ASN B 57 0.34 -12.43 8.26
CA ASN B 57 0.64 -13.84 7.93
C ASN B 57 2.06 -14.02 7.46
N GLY B 58 2.57 -15.21 7.61
CA GLY B 58 3.93 -15.51 7.13
C GLY B 58 3.96 -15.60 5.63
N HIS B 59 5.13 -15.38 5.07
CA HIS B 59 5.29 -15.44 3.62
C HIS B 59 5.47 -16.89 3.16
N ALA B 60 5.05 -17.16 1.94
CA ALA B 60 5.16 -18.47 1.32
C ALA B 60 4.87 -18.31 -0.16
N PRO B 61 5.37 -19.22 -1.02
CA PRO B 61 5.07 -19.14 -2.43
C PRO B 61 3.59 -19.26 -2.74
N GLY B 62 3.08 -18.36 -3.60
CA GLY B 62 1.72 -18.32 -3.95
C GLY B 62 0.84 -17.82 -2.82
N VAL B 63 1.42 -17.25 -1.80
CA VAL B 63 0.57 -16.71 -0.69
C VAL B 63 0.75 -15.24 -0.61
N SER B 64 -0.34 -14.49 -0.52
CA SER B 64 -0.22 -13.05 -0.45
C SER B 64 -1.32 -12.49 0.38
N SER B 65 -1.14 -11.27 0.86
CA SER B 65 -2.19 -10.65 1.64
C SER B 65 -1.98 -9.15 1.66
N SER B 66 -2.97 -8.45 2.20
CA SER B 66 -2.84 -7.04 2.57
C SER B 66 -2.35 -7.02 3.96
N GLU B 67 -1.02 -7.02 4.13
CA GLU B 67 -0.41 -7.24 5.42
C GLU B 67 -0.79 -6.05 6.37
N GLY B 68 -1.36 -6.35 7.49
CA GLY B 68 -1.67 -5.32 8.43
C GLY B 68 -3.17 -5.17 8.45
N ASN B 69 -3.79 -5.20 7.29
CA ASN B 69 -5.24 -4.94 7.25
C ASN B 69 -6.08 -5.97 8.05
N GLY B 70 -7.07 -5.52 8.81
CA GLY B 70 -7.93 -6.44 9.59
C GLY B 70 -8.74 -7.42 8.70
N ASN B 71 -8.99 -7.02 7.48
CA ASN B 71 -9.69 -7.85 6.51
C ASN B 71 -8.82 -8.98 5.87
N LEU B 72 -7.53 -8.82 5.97
CA LEU B 72 -6.43 -9.73 5.45
C LEU B 72 -6.37 -9.80 3.91
N GLY B 73 -7.45 -10.21 3.30
CA GLY B 73 -7.43 -10.39 1.82
C GLY B 73 -6.45 -11.47 1.46
N LEU B 74 -6.49 -12.56 2.19
CA LEU B 74 -5.54 -13.56 2.05
C LEU B 74 -5.76 -14.30 0.69
N LYS B 75 -4.68 -14.50 -0.05
CA LYS B 75 -4.70 -15.36 -1.23
C LYS B 75 -3.78 -16.48 -1.06
N LEU B 76 -4.26 -17.72 -1.12
CA LEU B 76 -3.40 -18.88 -0.89
C LEU B 76 -3.66 -20.03 -1.91
N ASN B 77 -2.94 -21.12 -1.73
CA ASN B 77 -3.03 -22.28 -2.67
C ASN B 77 -4.01 -23.26 -2.07
N VAL B 78 -4.82 -23.86 -2.90
CA VAL B 78 -5.60 -25.01 -2.48
C VAL B 78 -4.63 -26.04 -1.92
N GLY B 79 -4.88 -26.56 -0.75
CA GLY B 79 -3.96 -27.46 -0.11
C GLY B 79 -3.23 -26.90 1.06
N ASP B 80 -3.02 -25.62 1.09
CA ASP B 80 -2.39 -24.96 2.23
C ASP B 80 -3.22 -25.05 3.49
N LYS B 81 -2.53 -25.07 4.58
CA LYS B 81 -3.19 -24.97 5.90
C LYS B 81 -3.00 -23.60 6.64
N VAL B 82 -4.08 -23.06 7.18
CA VAL B 82 -3.94 -21.83 7.92
C VAL B 82 -4.00 -22.22 9.39
N SER B 83 -3.31 -21.45 10.21
CA SER B 83 -3.41 -21.56 11.64
C SER B 83 -3.52 -20.14 12.25
N LEU B 84 -4.65 -19.81 12.80
CA LEU B 84 -5.02 -18.50 13.26
C LEU B 84 -4.91 -18.37 14.75
N MSE B 85 -4.21 -17.36 15.23
CA MSE B 85 -4.23 -17.02 16.63
C MSE B 85 -4.53 -15.56 16.81
O MSE B 85 -4.39 -14.75 15.86
CB MSE B 85 -2.90 -17.34 17.24
CG MSE B 85 -2.54 -18.85 17.17
SE MSE B 85 -0.71 -19.12 17.92
CE MSE B 85 -1.24 -18.90 19.76
N GLY B 86 -4.91 -15.19 18.02
CA GLY B 86 -5.37 -13.83 18.31
C GLY B 86 -4.67 -13.27 19.53
N THR B 87 -4.34 -11.99 19.51
CA THR B 87 -3.77 -11.34 20.68
C THR B 87 -4.06 -9.88 20.66
N SER B 88 -3.79 -9.14 21.74
CA SER B 88 -3.95 -7.70 21.75
C SER B 88 -2.69 -6.99 21.33
N LEU B 89 -2.75 -5.66 21.25
CA LEU B 89 -1.56 -4.84 21.00
C LEU B 89 -0.52 -4.94 22.05
N ALA B 90 -0.92 -5.35 23.25
CA ALA B 90 0.05 -5.54 24.33
C ALA B 90 0.28 -7.01 24.57
N ASP B 91 -0.01 -7.80 23.55
CA ASP B 91 0.21 -9.23 23.50
C ASP B 91 -0.52 -10.01 24.61
N ASN B 92 -1.73 -9.56 24.88
CA ASN B 92 -2.57 -10.12 25.94
C ASN B 92 -1.98 -10.05 27.32
N SER B 93 -1.11 -9.08 27.58
CA SER B 93 -0.51 -8.96 28.90
C SER B 93 -1.41 -8.15 29.82
N GLY B 94 -2.19 -7.22 29.30
CA GLY B 94 -3.21 -6.56 30.14
C GLY B 94 -4.62 -7.07 29.79
N ASP B 95 -5.32 -6.32 28.99
CA ASP B 95 -6.52 -6.86 28.41
C ASP B 95 -6.12 -8.11 27.59
N ALA B 96 -7.04 -9.01 27.32
CA ALA B 96 -6.72 -10.14 26.50
C ALA B 96 -7.85 -10.46 25.55
N ALA B 97 -7.51 -10.78 24.33
CA ALA B 97 -8.50 -11.06 23.31
C ALA B 97 -8.21 -12.52 22.99
N LEU B 98 -9.21 -13.39 23.13
CA LEU B 98 -9.08 -14.80 22.95
C LEU B 98 -10.12 -15.37 22.01
N ILE B 99 -9.64 -15.91 20.88
CA ILE B 99 -10.59 -16.44 19.87
C ILE B 99 -11.22 -17.68 20.40
N TYR B 100 -12.51 -17.88 20.15
CA TYR B 100 -13.13 -19.12 20.48
C TYR B 100 -13.84 -19.81 19.32
N HIS B 101 -14.01 -19.13 18.16
CA HIS B 101 -14.63 -19.81 17.04
C HIS B 101 -14.29 -19.09 15.71
N VAL B 102 -14.23 -19.88 14.62
CA VAL B 102 -14.10 -19.33 13.28
C VAL B 102 -15.13 -20.09 12.44
N GLN B 103 -15.88 -19.38 11.63
CA GLN B 103 -16.94 -20.00 10.84
C GLN B 103 -17.07 -19.24 9.50
N GLN B 104 -17.72 -19.88 8.55
CA GLN B 104 -18.11 -19.27 7.26
C GLN B 104 -19.08 -18.16 7.52
N TYR B 105 -18.86 -17.03 6.87
CA TYR B 105 -19.76 -15.92 6.85
C TYR B 105 -20.37 -15.70 5.44
N SER B 106 -19.59 -15.73 4.39
CA SER B 106 -20.15 -15.66 3.04
C SER B 106 -19.30 -16.47 2.10
N GLY B 107 -19.83 -16.79 0.92
CA GLY B 107 -19.06 -17.32 -0.17
C GLY B 107 -18.92 -18.81 -0.12
N ALA B 108 -17.89 -19.32 -0.79
CA ALA B 108 -17.74 -20.76 -1.04
C ALA B 108 -17.15 -21.35 0.21
N GLN B 109 -17.18 -22.65 0.32
CA GLN B 109 -16.57 -23.34 1.45
C GLN B 109 -15.11 -23.63 1.11
N VAL B 110 -14.25 -22.63 1.16
CA VAL B 110 -12.88 -22.78 0.79
C VAL B 110 -12.27 -23.62 1.87
N PHE B 111 -12.63 -23.35 3.12
CA PHE B 111 -11.99 -24.03 4.25
C PHE B 111 -12.93 -25.01 4.81
N ALA B 112 -12.33 -26.11 5.25
CA ALA B 112 -13.00 -27.08 6.06
C ALA B 112 -13.32 -26.38 7.39
N PRO B 113 -14.28 -26.89 8.14
CA PRO B 113 -14.58 -26.38 9.47
C PRO B 113 -13.33 -26.35 10.33
N PHE B 114 -13.12 -25.23 11.05
CA PHE B 114 -11.87 -25.05 11.73
C PHE B 114 -11.81 -25.92 12.99
N THR B 115 -10.61 -26.33 13.33
CA THR B 115 -10.36 -27.15 14.53
CA THR B 115 -10.35 -27.17 14.52
C THR B 115 -9.51 -26.36 15.51
N ALA B 116 -9.85 -26.42 16.80
CA ALA B 116 -9.09 -25.69 17.80
C ALA B 116 -7.99 -26.61 18.22
N VAL B 117 -6.76 -26.13 18.20
CA VAL B 117 -5.71 -26.96 18.67
C VAL B 117 -4.98 -26.28 19.79
N THR B 118 -4.67 -27.10 20.80
CA THR B 118 -3.94 -26.62 21.95
C THR B 118 -2.45 -26.71 21.76
N ILE B 119 -1.74 -25.67 22.13
CA ILE B 119 -0.29 -25.75 22.13
C ILE B 119 0.28 -25.32 23.50
N GLU B 120 1.15 -26.14 24.08
CA GLU B 120 1.39 -26.09 25.54
C GLU B 120 2.66 -25.39 26.02
N GLN B 121 3.68 -26.21 26.27
CA GLN B 121 4.87 -25.84 27.03
C GLN B 121 5.48 -24.50 26.66
N GLN B 141 2.28 -20.79 29.96
CA GLN B 141 1.05 -20.39 29.28
C GLN B 141 0.57 -21.43 28.25
N VAL B 142 -0.76 -21.61 28.20
CA VAL B 142 -1.41 -22.48 27.18
C VAL B 142 -2.00 -21.64 26.04
N PHE B 143 -1.73 -22.06 24.81
CA PHE B 143 -2.01 -21.25 23.63
C PHE B 143 -2.96 -22.07 22.78
N GLN B 144 -3.86 -21.43 22.05
CA GLN B 144 -4.75 -22.20 21.18
C GLN B 144 -4.72 -21.56 19.78
N ALA B 145 -4.77 -22.38 18.73
CA ALA B 145 -4.80 -21.91 17.38
C ALA B 145 -5.96 -22.57 16.73
N PHE B 146 -6.49 -21.94 15.69
CA PHE B 146 -7.63 -22.42 15.00
C PHE B 146 -7.15 -22.73 13.56
N GLU B 147 -7.19 -24.01 13.21
CA GLU B 147 -6.59 -24.50 11.97
C GLU B 147 -7.56 -25.07 10.97
N SER B 148 -7.32 -24.77 9.67
CA SER B 148 -8.08 -25.38 8.61
C SER B 148 -7.29 -25.50 7.30
N VAL B 149 -7.63 -26.44 6.46
CA VAL B 149 -7.00 -26.61 5.17
C VAL B 149 -7.88 -25.95 4.13
N ALA B 150 -7.29 -25.20 3.21
CA ALA B 150 -8.00 -24.69 2.07
C ALA B 150 -8.25 -25.89 1.12
N LYS B 151 -9.47 -26.37 1.14
CA LYS B 151 -9.87 -27.58 0.44
C LYS B 151 -10.42 -27.34 -0.94
N SER B 152 -10.94 -26.16 -1.24
CA SER B 152 -11.50 -25.89 -2.57
C SER B 152 -11.11 -24.49 -3.05
N ALA B 153 -11.06 -24.30 -4.36
CA ALA B 153 -10.78 -23.02 -4.98
C ALA B 153 -11.99 -22.13 -4.85
N GLY B 154 -11.79 -20.85 -4.66
CA GLY B 154 -12.91 -19.93 -4.57
C GLY B 154 -12.59 -18.86 -3.49
N SER B 155 -13.64 -18.16 -3.07
CA SER B 155 -13.47 -17.00 -2.21
C SER B 155 -14.44 -17.15 -1.08
N GLU B 156 -13.94 -16.97 0.14
CA GLU B 156 -14.76 -17.16 1.31
C GLU B 156 -14.54 -16.03 2.29
N TYR B 157 -15.58 -15.57 2.93
CA TYR B 157 -15.38 -14.62 4.01
C TYR B 157 -15.62 -15.45 5.34
N LEU B 158 -14.75 -15.27 6.31
CA LEU B 158 -14.77 -15.99 7.56
C LEU B 158 -15.11 -14.97 8.71
N ALA B 159 -15.90 -15.42 9.67
CA ALA B 159 -16.19 -14.66 10.90
C ALA B 159 -15.42 -15.30 12.03
N THR B 160 -14.66 -14.50 12.81
CA THR B 160 -13.88 -15.05 13.93
C THR B 160 -14.44 -14.35 15.18
N SER B 161 -14.87 -15.18 16.12
CA SER B 161 -15.43 -14.66 17.37
C SER B 161 -14.40 -14.77 18.46
N PHE B 162 -14.32 -13.76 19.33
CA PHE B 162 -13.39 -13.74 20.35
C PHE B 162 -14.01 -13.13 21.66
N ALA B 163 -13.46 -13.55 22.80
CA ALA B 163 -13.81 -12.96 24.10
C ALA B 163 -12.74 -11.90 24.42
N LEU B 164 -13.19 -10.76 24.92
CA LEU B 164 -12.29 -9.67 25.36
C LEU B 164 -12.46 -9.64 26.87
N TYR B 165 -11.36 -9.84 27.59
CA TYR B 165 -11.33 -9.79 29.06
C TYR B 165 -10.51 -8.57 29.44
N THR B 166 -10.96 -7.83 30.44
CA THR B 166 -10.21 -6.67 30.91
C THR B 166 -9.51 -7.06 32.19
N ARG B 167 -8.44 -6.33 32.52
CA ARG B 167 -7.85 -6.37 33.83
C ARG B 167 -7.93 -4.91 34.31
N SER B 168 -8.61 -4.69 35.38
CA SER B 168 -8.57 -3.37 36.00
C SER B 168 -8.08 -3.67 37.39
N GLN B 169 -6.99 -3.04 37.80
CA GLN B 169 -6.47 -3.18 39.14
C GLN B 169 -6.25 -4.66 39.40
N ASN B 170 -5.74 -5.33 38.36
CA ASN B 170 -5.37 -6.69 38.38
C ASN B 170 -6.50 -7.65 38.59
N ARG B 171 -7.75 -7.19 38.33
CA ARG B 171 -8.97 -8.04 38.46
C ARG B 171 -9.37 -8.38 37.03
N LYS B 172 -9.49 -9.63 36.71
CA LYS B 172 -9.77 -10.02 35.36
C LYS B 172 -11.29 -10.22 35.27
N SER B 173 -11.95 -9.63 34.27
CA SER B 173 -13.37 -9.99 34.03
C SER B 173 -13.71 -9.90 32.58
N LEU B 174 -14.83 -10.47 32.21
CA LEU B 174 -15.25 -10.49 30.81
C LEU B 174 -15.79 -9.15 30.39
N PHE B 175 -15.30 -8.56 29.31
CA PHE B 175 -15.88 -7.30 28.84
C PHE B 175 -16.98 -7.59 27.82
N GLY B 176 -16.70 -8.43 26.81
CA GLY B 176 -17.74 -8.86 25.91
C GLY B 176 -17.20 -9.89 24.89
N TYR B 177 -18.13 -10.40 24.10
CA TYR B 177 -17.88 -11.29 22.96
C TYR B 177 -18.13 -10.53 21.66
N PHE B 178 -17.18 -10.67 20.70
CA PHE B 178 -17.14 -9.88 19.53
C PHE B 178 -16.79 -10.76 18.34
N PHE B 179 -17.11 -10.28 17.16
CA PHE B 179 -16.60 -10.98 15.94
C PHE B 179 -16.27 -9.99 14.85
N TRP B 180 -15.32 -10.36 14.01
CA TRP B 180 -15.01 -9.55 12.83
C TRP B 180 -15.03 -10.55 11.68
N VAL B 181 -15.10 -9.98 10.47
CA VAL B 181 -15.11 -10.78 9.29
C VAL B 181 -13.86 -10.49 8.45
N TRP B 182 -13.22 -11.52 7.94
CA TRP B 182 -12.03 -11.38 7.09
C TRP B 182 -12.21 -12.18 5.85
N GLN B 183 -11.39 -11.94 4.85
CA GLN B 183 -11.56 -12.47 3.54
C GLN B 183 -10.38 -13.28 3.06
N ALA B 184 -10.65 -14.38 2.35
CA ALA B 184 -9.62 -15.26 1.85
C ALA B 184 -10.06 -15.86 0.52
N ALA B 185 -9.08 -16.25 -0.26
CA ALA B 185 -9.33 -16.88 -1.56
C ALA B 185 -8.26 -17.89 -1.83
N ALA B 186 -8.62 -18.97 -2.52
CA ALA B 186 -7.68 -20.00 -2.77
C ALA B 186 -7.78 -20.37 -4.23
N ALA B 187 -6.64 -20.70 -4.81
CA ALA B 187 -6.63 -21.18 -6.20
C ALA B 187 -5.82 -22.47 -6.28
N ILE C 11 25.54 -2.06 23.27
CA ILE C 11 25.33 -3.04 22.14
C ILE C 11 25.96 -2.51 20.84
N ASN C 12 26.77 -3.34 20.20
CA ASN C 12 27.45 -2.96 18.94
C ASN C 12 26.58 -3.29 17.75
N LEU C 13 26.18 -2.28 16.98
CA LEU C 13 25.37 -2.53 15.79
C LEU C 13 26.18 -2.46 14.50
N GLU C 14 27.40 -1.96 14.60
CA GLU C 14 28.30 -1.87 13.44
C GLU C 14 27.63 -1.12 12.29
N LYS C 15 27.07 0.05 12.58
CA LYS C 15 26.38 0.87 11.58
C LYS C 15 27.38 1.29 10.55
N ALA C 16 27.07 1.13 9.27
CA ALA C 16 28.00 1.47 8.24
C ALA C 16 27.19 2.10 7.13
N ALA C 17 27.85 2.86 6.30
CA ALA C 17 27.20 3.49 5.20
C ALA C 17 26.70 2.41 4.23
N GLN C 18 25.39 2.43 3.90
CA GLN C 18 24.81 1.51 2.90
C GLN C 18 24.98 2.06 1.47
N SER C 19 24.89 1.19 0.48
CA SER C 19 24.85 1.56 -0.94
C SER C 19 23.54 1.05 -1.52
N ILE C 20 22.65 1.97 -1.83
CA ILE C 20 21.30 1.69 -2.20
C ILE C 20 21.18 1.85 -3.71
N GLN C 21 20.64 0.86 -4.37
CA GLN C 21 20.39 0.98 -5.76
C GLN C 21 18.95 1.39 -6.00
N ILE C 22 18.76 2.34 -6.92
CA ILE C 22 17.45 2.81 -7.15
C ILE C 22 17.16 2.66 -8.64
N LEU C 23 15.98 2.12 -9.02
CA LEU C 23 15.56 1.98 -10.39
C LEU C 23 14.28 2.74 -10.64
N ALA C 24 14.32 3.64 -11.61
CA ALA C 24 13.12 4.29 -12.06
C ALA C 24 12.65 3.58 -13.30
N VAL C 25 11.39 3.15 -13.28
CA VAL C 25 10.77 2.43 -14.39
C VAL C 25 9.64 3.28 -14.96
N ILE C 26 9.75 3.70 -16.20
CA ILE C 26 8.90 4.74 -16.73
C ILE C 26 7.95 4.13 -17.74
N ASP C 27 6.67 4.44 -17.61
CA ASP C 27 5.61 3.98 -18.55
C ASP C 27 5.63 4.90 -19.81
N THR C 28 6.49 4.57 -20.74
CA THR C 28 6.74 5.39 -21.87
C THR C 28 5.50 5.49 -22.77
N ASN C 29 4.71 4.41 -22.86
CA ASN C 29 3.44 4.46 -23.61
C ASN C 29 2.46 5.47 -23.03
N TYR C 30 2.38 5.53 -21.73
CA TYR C 30 1.55 6.50 -21.09
C TYR C 30 2.01 7.93 -21.38
N ILE C 31 3.32 8.17 -21.31
CA ILE C 31 3.87 9.47 -21.60
C ILE C 31 3.54 9.92 -23.02
N LYS C 32 3.76 9.05 -23.94
CA LYS C 32 3.59 9.38 -25.35
C LYS C 32 2.12 9.72 -25.64
N ARG C 33 1.19 9.02 -25.01
CA ARG C 33 -0.24 9.34 -25.13
C ARG C 33 -0.61 10.66 -24.43
N SER C 34 -0.08 10.89 -23.26
CA SER C 34 -0.50 12.08 -22.52
C SER C 34 0.31 13.35 -22.84
N HIS C 35 1.50 13.21 -23.47
CA HIS C 35 2.37 14.31 -23.84
C HIS C 35 2.81 14.24 -25.26
N PRO C 36 1.88 14.40 -26.18
CA PRO C 36 2.21 14.12 -27.59
C PRO C 36 3.08 15.18 -28.22
N ASN C 37 3.17 16.37 -27.62
CA ASN C 37 4.02 17.44 -28.19
C ASN C 37 5.00 17.98 -27.15
N PRO C 38 5.98 17.17 -26.77
CA PRO C 38 6.79 17.54 -25.60
C PRO C 38 7.96 18.44 -26.01
N SER C 39 8.75 18.88 -25.08
CA SER C 39 9.92 19.71 -25.39
C SER C 39 11.01 18.89 -26.11
N LEU C 40 11.65 19.49 -27.11
CA LEU C 40 12.78 18.87 -27.72
C LEU C 40 14.03 19.64 -27.38
N ASN C 41 13.96 20.48 -26.36
CA ASN C 41 15.10 21.13 -25.80
C ASN C 41 15.48 20.54 -24.39
N ALA C 42 16.60 19.86 -24.32
CA ALA C 42 16.99 19.14 -23.09
C ALA C 42 17.28 20.05 -21.95
N GLN C 43 17.46 21.34 -22.22
CA GLN C 43 17.64 22.26 -21.12
C GLN C 43 16.31 22.71 -20.58
N ASN C 44 15.24 22.33 -21.25
CA ASN C 44 13.92 22.71 -20.81
C ASN C 44 12.95 21.54 -20.88
N PRO C 45 13.13 20.56 -19.97
CA PRO C 45 12.33 19.33 -20.11
C PRO C 45 10.87 19.49 -19.70
N THR C 46 10.03 18.65 -20.31
CA THR C 46 8.61 18.63 -20.04
C THR C 46 8.28 17.87 -18.70
N SER C 47 7.59 18.60 -17.84
CA SER C 47 7.08 18.07 -16.56
C SER C 47 6.14 16.91 -16.78
N ILE C 48 6.33 15.80 -16.07
CA ILE C 48 5.39 14.70 -16.04
C ILE C 48 5.03 14.36 -14.63
N PRO C 49 3.80 13.84 -14.41
CA PRO C 49 3.44 13.48 -13.03
C PRO C 49 4.15 12.25 -12.59
N SER C 50 4.31 12.06 -11.28
CA SER C 50 4.98 10.87 -10.77
C SER C 50 4.11 9.63 -10.98
N THR C 51 2.88 9.86 -11.36
CA THR C 51 1.92 8.83 -11.70
C THR C 51 2.35 8.00 -12.97
N ALA C 52 3.20 8.60 -13.77
CA ALA C 52 3.67 8.01 -15.02
C ALA C 52 4.85 7.06 -14.84
N LEU C 53 5.30 6.84 -13.63
CA LEU C 53 6.43 6.00 -13.48
C LEU C 53 6.38 5.31 -12.14
N PHE C 54 7.33 4.43 -11.88
CA PHE C 54 7.43 3.70 -10.62
C PHE C 54 8.90 3.79 -10.16
N MSE C 55 9.17 3.86 -8.89
CA MSE C 55 10.58 3.90 -8.40
C MSE C 55 10.73 2.78 -7.37
O MSE C 55 9.85 2.58 -6.57
CB MSE C 55 10.92 5.22 -7.77
CG MSE C 55 11.15 6.32 -8.82
SE MSE C 55 11.70 8.04 -8.06
CE MSE C 55 13.55 7.62 -7.87
N LEU C 56 11.80 2.04 -7.47
CA LEU C 56 12.10 0.92 -6.59
C LEU C 56 13.48 1.10 -6.01
N ASN C 57 13.73 0.57 -4.83
CA ASN C 57 15.04 0.62 -4.25
C ASN C 57 15.30 -0.66 -3.44
N GLY C 58 16.54 -1.05 -3.35
CA GLY C 58 16.88 -2.24 -2.58
C GLY C 58 16.82 -1.99 -1.10
N HIS C 59 16.63 -3.05 -0.35
CA HIS C 59 16.49 -2.89 1.11
C HIS C 59 17.82 -2.74 1.82
N ALA C 60 17.82 -2.04 2.95
CA ALA C 60 19.01 -1.87 3.78
C ALA C 60 18.57 -1.40 5.17
N PRO C 61 19.40 -1.60 6.21
CA PRO C 61 18.91 -1.16 7.55
C PRO C 61 18.76 0.35 7.63
N GLY C 62 17.59 0.83 8.02
CA GLY C 62 17.33 2.23 8.18
C GLY C 62 16.92 2.90 6.86
N VAL C 63 16.69 2.11 5.83
CA VAL C 63 16.25 2.61 4.58
C VAL C 63 14.78 2.15 4.37
N SER C 64 13.88 3.04 3.99
CA SER C 64 12.48 2.62 3.65
C SER C 64 12.03 3.46 2.49
N SER C 65 10.95 3.05 1.87
CA SER C 65 10.38 3.84 0.79
C SER C 65 8.98 3.37 0.53
N SER C 66 8.31 4.06 -0.38
CA SER C 66 6.96 3.69 -0.86
C SER C 66 7.13 2.91 -2.13
N GLU C 67 7.57 1.67 -1.98
CA GLU C 67 8.03 0.85 -3.12
C GLU C 67 7.00 0.87 -4.25
N GLY C 68 7.40 1.26 -5.42
CA GLY C 68 6.50 1.30 -6.53
C GLY C 68 6.08 2.68 -6.90
N ASN C 69 5.84 3.54 -5.93
CA ASN C 69 5.37 4.87 -6.24
C ASN C 69 6.40 5.72 -6.99
N GLY C 70 6.01 6.54 -7.98
CA GLY C 70 6.97 7.28 -8.74
C GLY C 70 7.67 8.41 -7.93
N ASN C 71 7.03 8.74 -6.80
CA ASN C 71 7.56 9.68 -5.85
C ASN C 71 8.61 9.12 -4.84
N LEU C 72 8.69 7.82 -4.79
CA LEU C 72 9.56 7.04 -3.91
C LEU C 72 9.38 7.25 -2.41
N GLY C 73 9.48 8.50 -1.93
CA GLY C 73 9.36 8.72 -0.46
C GLY C 73 10.50 8.04 0.26
N LEU C 74 11.72 8.16 -0.28
CA LEU C 74 12.87 7.42 0.24
C LEU C 74 13.29 8.01 1.57
N LYS C 75 13.58 7.15 2.52
CA LYS C 75 14.13 7.62 3.80
C LYS C 75 15.34 6.85 4.07
N LEU C 76 16.46 7.51 4.30
CA LEU C 76 17.67 6.76 4.52
C LEU C 76 18.61 7.46 5.57
N ASN C 77 19.80 6.94 5.76
CA ASN C 77 20.76 7.47 6.73
C ASN C 77 21.75 8.44 6.09
N VAL C 78 22.01 9.60 6.72
CA VAL C 78 23.18 10.36 6.31
C VAL C 78 24.40 9.43 6.20
N GLY C 79 25.15 9.52 5.13
CA GLY C 79 26.20 8.58 4.87
C GLY C 79 25.92 7.57 3.74
N ASP C 80 24.65 7.21 3.55
CA ASP C 80 24.27 6.20 2.57
C ASP C 80 24.52 6.76 1.18
N LYS C 81 25.11 5.90 0.35
CA LYS C 81 25.29 6.14 -1.05
C LYS C 81 24.03 5.73 -1.85
N VAL C 82 23.76 6.42 -2.95
CA VAL C 82 22.60 6.01 -3.79
C VAL C 82 23.08 5.95 -5.23
N SER C 83 22.47 5.09 -6.03
CA SER C 83 22.85 4.96 -7.42
C SER C 83 21.55 4.77 -8.16
N LEU C 84 21.27 5.70 -9.08
CA LEU C 84 19.98 5.83 -9.74
C LEU C 84 20.14 5.47 -11.21
N MSE C 85 19.26 4.62 -11.69
CA MSE C 85 19.15 4.26 -13.12
C MSE C 85 17.73 4.31 -13.55
O MSE C 85 16.83 4.26 -12.72
CB MSE C 85 19.72 2.85 -13.38
CG MSE C 85 21.09 2.69 -12.84
SE MSE C 85 21.95 0.95 -13.25
CE MSE C 85 22.07 1.19 -15.18
N GLY C 86 17.50 4.43 -14.89
CA GLY C 86 16.15 4.55 -15.40
C GLY C 86 15.96 3.61 -16.59
N THR C 87 14.76 3.11 -16.75
CA THR C 87 14.49 2.26 -17.87
C THR C 87 13.00 2.23 -18.15
N SER C 88 12.58 1.62 -19.24
CA SER C 88 11.16 1.58 -19.51
C SER C 88 10.57 0.29 -18.97
N LEU C 89 9.28 0.12 -19.16
CA LEU C 89 8.57 -1.07 -18.79
C LEU C 89 9.00 -2.27 -19.63
N ALA C 90 9.54 -2.00 -20.83
CA ALA C 90 10.17 -3.09 -21.57
C ALA C 90 11.65 -3.00 -21.53
N ASP C 91 12.17 -2.49 -20.41
CA ASP C 91 13.60 -2.45 -20.12
C ASP C 91 14.45 -1.80 -21.19
N ASN C 92 13.91 -0.72 -21.78
CA ASN C 92 14.62 0.02 -22.86
C ASN C 92 14.94 -0.84 -24.08
N SER C 93 14.16 -1.87 -24.29
CA SER C 93 14.32 -2.76 -25.47
C SER C 93 13.66 -2.16 -26.77
N GLY C 94 12.70 -1.28 -26.59
CA GLY C 94 11.95 -0.63 -27.68
C GLY C 94 12.06 0.87 -27.52
N ASP C 95 11.05 1.51 -26.95
CA ASP C 95 11.25 2.89 -26.47
C ASP C 95 12.36 2.78 -25.42
N ALA C 96 13.18 3.82 -25.26
CA ALA C 96 14.19 3.82 -24.17
C ALA C 96 13.97 5.12 -23.39
N ALA C 97 14.02 5.06 -22.08
CA ALA C 97 13.98 6.25 -21.28
C ALA C 97 15.35 6.35 -20.64
N LEU C 98 16.09 7.38 -20.96
CA LEU C 98 17.49 7.52 -20.53
C LEU C 98 17.65 8.80 -19.72
N ILE C 99 17.99 8.65 -18.46
CA ILE C 99 18.25 9.76 -17.58
C ILE C 99 19.53 10.53 -18.02
N TYR C 100 19.47 11.85 -18.01
CA TYR C 100 20.67 12.66 -18.30
C TYR C 100 20.96 13.67 -17.24
N HIS C 101 20.08 13.82 -16.28
CA HIS C 101 20.37 14.76 -15.20
C HIS C 101 19.56 14.60 -13.92
N VAL C 102 20.16 14.89 -12.77
CA VAL C 102 19.43 14.94 -11.50
C VAL C 102 19.79 16.22 -10.79
N GLN C 103 18.81 16.90 -10.22
CA GLN C 103 19.03 18.13 -9.47
C GLN C 103 18.08 18.36 -8.35
N GLN C 104 18.47 19.23 -7.42
CA GLN C 104 17.60 19.64 -6.37
C GLN C 104 16.45 20.42 -6.91
N TYR C 105 15.25 20.08 -6.46
CA TYR C 105 14.05 20.80 -6.84
C TYR C 105 13.55 21.66 -5.65
N SER C 106 13.52 21.12 -4.43
CA SER C 106 12.98 21.82 -3.25
C SER C 106 13.72 21.29 -2.05
N GLY C 107 13.69 22.03 -0.95
CA GLY C 107 14.17 21.52 0.28
C GLY C 107 15.63 21.66 0.58
N ALA C 108 16.09 20.88 1.54
CA ALA C 108 17.52 20.89 1.94
C ALA C 108 18.36 20.16 0.88
N GLN C 109 19.64 20.46 0.79
CA GLN C 109 20.53 19.65 -0.11
C GLN C 109 20.92 18.41 0.67
N VAL C 110 20.00 17.48 0.84
CA VAL C 110 20.29 16.26 1.49
C VAL C 110 21.35 15.45 0.69
N PHE C 111 21.24 15.40 -0.60
CA PHE C 111 22.17 14.62 -1.41
C PHE C 111 23.19 15.59 -2.01
N ALA C 112 24.40 15.04 -2.21
CA ALA C 112 25.42 15.74 -2.97
C ALA C 112 24.94 15.82 -4.37
N PRO C 113 25.45 16.75 -5.18
CA PRO C 113 25.14 16.75 -6.61
C PRO C 113 25.55 15.35 -7.20
N PHE C 114 24.81 14.88 -8.17
CA PHE C 114 24.97 13.53 -8.69
C PHE C 114 26.06 13.43 -9.72
N THR C 115 26.64 12.26 -9.83
CA THR C 115 27.70 12.06 -10.82
C THR C 115 27.27 10.91 -11.75
N ALA C 116 27.33 11.16 -13.03
CA ALA C 116 27.09 10.18 -14.05
C ALA C 116 28.26 9.26 -14.17
N VAL C 117 28.02 7.97 -14.13
CA VAL C 117 29.07 6.98 -14.26
C VAL C 117 28.69 5.96 -15.33
N THR C 118 29.67 5.63 -16.16
CA THR C 118 29.47 4.70 -17.26
C THR C 118 29.75 3.29 -16.83
N ILE C 119 28.88 2.36 -17.16
CA ILE C 119 29.10 0.98 -16.81
C ILE C 119 29.14 0.17 -18.11
N GLU C 120 30.17 -0.63 -18.25
CA GLU C 120 30.18 -1.54 -19.41
C GLU C 120 29.66 -2.89 -18.94
N GLN C 121 28.58 -3.38 -19.52
CA GLN C 121 28.10 -4.78 -19.29
C GLN C 121 29.15 -5.89 -19.50
N ALA C 122 29.13 -6.91 -18.65
CA ALA C 122 30.11 -7.97 -18.76
C ALA C 122 29.88 -8.85 -20.01
N GLY C 123 30.90 -9.58 -20.40
CA GLY C 123 30.72 -10.61 -21.42
C GLY C 123 29.79 -11.70 -20.87
N ALA C 124 29.45 -12.64 -21.72
CA ALA C 124 28.51 -13.65 -21.34
C ALA C 124 29.15 -14.72 -20.42
N ALA C 125 28.30 -15.49 -19.77
CA ALA C 125 28.75 -16.61 -18.95
C ALA C 125 29.09 -17.80 -19.91
N SER C 126 29.80 -18.83 -19.47
CA SER C 126 30.12 -19.95 -20.40
C SER C 126 28.83 -20.61 -20.82
N ALA C 127 28.90 -21.45 -21.85
CA ALA C 127 27.70 -22.11 -22.36
C ALA C 127 27.11 -23.04 -21.26
N ALA C 128 28.01 -23.64 -20.45
CA ALA C 128 27.61 -24.63 -19.43
C ALA C 128 26.73 -23.99 -18.35
N GLU C 129 26.90 -22.68 -18.21
CA GLU C 129 26.24 -21.82 -17.23
C GLU C 129 25.03 -21.05 -17.84
N THR C 130 24.70 -21.28 -19.11
CA THR C 130 23.64 -20.51 -19.77
C THR C 130 22.59 -21.47 -20.31
N PRO C 131 21.38 -21.44 -19.75
CA PRO C 131 20.30 -22.13 -20.46
C PRO C 131 20.18 -21.70 -21.93
N ASP C 132 20.00 -22.67 -22.81
CA ASP C 132 19.72 -22.36 -24.22
C ASP C 132 18.46 -21.53 -24.34
N LEU C 133 17.54 -21.73 -23.40
CA LEU C 133 16.26 -21.00 -23.38
C LEU C 133 16.46 -19.48 -23.33
N ILE C 134 17.66 -19.00 -22.96
CA ILE C 134 17.92 -17.57 -22.82
C ILE C 134 18.59 -16.98 -24.06
N ALA C 135 17.97 -15.95 -24.62
CA ALA C 135 18.62 -14.98 -25.50
C ALA C 135 19.41 -13.93 -24.65
N THR C 136 20.71 -13.81 -24.89
CA THR C 136 21.43 -12.66 -24.30
C THR C 136 22.48 -12.10 -25.23
N SER C 140 25.90 -6.44 -24.62
CA SER C 140 26.68 -5.46 -25.37
C SER C 140 26.55 -4.04 -24.80
N GLN C 141 25.60 -3.85 -23.91
CA GLN C 141 25.05 -2.54 -23.63
C GLN C 141 26.05 -1.67 -22.84
N VAL C 142 26.08 -0.37 -23.09
CA VAL C 142 26.67 0.53 -22.13
C VAL C 142 25.54 1.11 -21.30
N PHE C 143 25.76 1.24 -20.01
CA PHE C 143 24.75 1.81 -19.13
C PHE C 143 25.31 3.05 -18.48
N GLN C 144 24.42 3.89 -17.93
CA GLN C 144 24.84 4.98 -17.13
C GLN C 144 24.07 4.96 -15.83
N ALA C 145 24.73 5.23 -14.73
CA ALA C 145 24.03 5.36 -13.43
C ALA C 145 24.39 6.73 -12.87
N PHE C 146 23.61 7.27 -11.96
CA PHE C 146 23.81 8.61 -11.41
C PHE C 146 24.03 8.41 -9.92
N GLU C 147 25.23 8.65 -9.43
CA GLU C 147 25.56 8.28 -8.05
C GLU C 147 25.58 9.54 -7.15
N SER C 148 25.18 9.40 -5.92
CA SER C 148 25.36 10.45 -4.94
C SER C 148 25.51 9.84 -3.56
N VAL C 149 25.48 10.69 -2.52
CA VAL C 149 25.56 10.23 -1.15
C VAL C 149 24.68 11.22 -0.37
N ALA C 150 24.00 10.73 0.65
CA ALA C 150 23.27 11.61 1.56
C ALA C 150 24.29 12.29 2.47
N LYS C 151 24.27 13.60 2.58
CA LYS C 151 25.28 14.27 3.39
C LYS C 151 24.72 15.28 4.36
N SER C 152 23.43 15.60 4.25
CA SER C 152 22.85 16.45 5.30
C SER C 152 21.49 15.91 5.70
N ALA C 153 21.11 16.06 6.99
CA ALA C 153 19.81 15.61 7.45
C ALA C 153 18.74 16.53 6.95
N GLY C 154 17.54 15.98 6.70
CA GLY C 154 16.43 16.77 6.27
C GLY C 154 15.70 16.14 5.08
N SER C 155 14.88 16.95 4.45
CA SER C 155 14.01 16.50 3.38
C SER C 155 14.33 17.19 2.11
N GLU C 156 14.43 16.44 1.02
CA GLU C 156 14.75 17.01 -0.31
C GLU C 156 13.79 16.47 -1.39
N TYR C 157 13.37 17.33 -2.28
CA TYR C 157 12.75 16.90 -3.52
C TYR C 157 13.78 17.08 -4.65
N LEU C 158 13.96 16.03 -5.46
CA LEU C 158 14.84 15.97 -6.61
C LEU C 158 14.10 15.91 -7.92
N ALA C 159 14.56 16.67 -8.95
CA ALA C 159 14.08 16.52 -10.26
C ALA C 159 15.00 15.65 -11.08
N THR C 160 14.47 14.64 -11.76
CA THR C 160 15.28 13.78 -12.63
C THR C 160 14.77 13.98 -14.06
N SER C 161 15.63 14.40 -14.97
CA SER C 161 15.28 14.63 -16.34
C SER C 161 15.82 13.48 -17.23
N PHE C 162 15.00 13.07 -18.19
CA PHE C 162 15.33 11.95 -19.03
C PHE C 162 14.89 12.19 -20.45
N ALA C 163 15.59 11.53 -21.37
CA ALA C 163 15.21 11.59 -22.80
C ALA C 163 14.41 10.36 -23.10
N LEU C 164 13.29 10.54 -23.78
CA LEU C 164 12.50 9.43 -24.25
C LEU C 164 12.77 9.22 -25.77
N TYR C 165 13.30 8.07 -26.11
CA TYR C 165 13.57 7.76 -27.54
C TYR C 165 12.58 6.73 -28.01
N THR C 166 12.11 6.84 -29.27
CA THR C 166 11.29 5.75 -29.73
C THR C 166 12.07 4.89 -30.71
N ARG C 167 11.64 3.66 -30.82
CA ARG C 167 12.24 2.66 -31.74
C ARG C 167 11.45 2.70 -32.99
N SER C 168 12.08 3.09 -34.07
CA SER C 168 11.37 3.26 -35.35
C SER C 168 11.58 2.08 -36.26
N GLN C 169 12.83 1.75 -36.63
CA GLN C 169 13.05 0.47 -37.37
C GLN C 169 14.47 0.01 -37.21
N ASN C 170 14.65 -0.71 -36.11
CA ASN C 170 15.96 -0.99 -35.59
C ASN C 170 16.80 0.29 -35.46
N ARG C 171 16.13 1.41 -35.17
CA ARG C 171 16.75 2.74 -34.95
C ARG C 171 15.95 3.68 -34.00
N LYS C 172 16.67 4.38 -33.10
CA LYS C 172 16.07 5.31 -32.12
C LYS C 172 15.82 6.69 -32.71
N SER C 173 14.74 7.36 -32.31
CA SER C 173 14.46 8.77 -32.66
C SER C 173 14.01 9.50 -31.38
N LEU C 174 14.45 10.71 -31.16
CA LEU C 174 13.99 11.49 -30.01
C LEU C 174 12.49 11.80 -30.03
N PHE C 175 11.78 11.38 -28.98
CA PHE C 175 10.42 11.81 -28.83
C PHE C 175 10.35 13.11 -28.03
N GLY C 176 11.03 13.15 -26.87
CA GLY C 176 11.08 14.36 -26.06
C GLY C 176 11.94 14.28 -24.80
N TYR C 177 12.10 15.44 -24.15
CA TYR C 177 12.81 15.51 -22.89
C TYR C 177 11.83 15.80 -21.76
N PHE C 178 11.92 15.05 -20.68
CA PHE C 178 10.93 15.08 -19.65
C PHE C 178 11.60 15.04 -18.28
N PHE C 179 10.89 15.52 -17.21
CA PHE C 179 11.34 15.32 -15.88
C PHE C 179 10.23 15.06 -14.90
N TRP C 180 10.58 14.35 -13.83
CA TRP C 180 9.63 14.13 -12.75
C TRP C 180 10.31 14.49 -11.42
N VAL C 181 9.52 14.68 -10.38
CA VAL C 181 10.04 15.03 -9.11
C VAL C 181 9.75 13.93 -8.17
N TRP C 182 10.72 13.57 -7.34
CA TRP C 182 10.57 12.57 -6.32
C TRP C 182 11.07 13.12 -5.01
N GLN C 183 10.86 12.41 -3.94
CA GLN C 183 11.10 12.93 -2.59
C GLN C 183 11.93 11.95 -1.76
N ALA C 184 12.84 12.50 -0.98
CA ALA C 184 13.71 11.71 -0.17
C ALA C 184 14.05 12.53 1.13
N ALA C 185 14.49 11.82 2.18
CA ALA C 185 14.87 12.37 3.45
C ALA C 185 15.98 11.52 4.04
N ALA C 186 16.83 12.13 4.83
CA ALA C 186 17.88 11.45 5.50
C ALA C 186 17.87 11.85 6.94
N ALA C 187 18.24 10.89 7.80
CA ALA C 187 18.40 11.10 9.23
C ALA C 187 19.84 10.74 9.64
N SER D 10 -23.09 -23.04 17.62
CA SER D 10 -24.41 -22.41 17.31
C SER D 10 -24.35 -20.87 17.34
N ILE D 11 -23.27 -20.30 16.85
CA ILE D 11 -23.09 -18.87 16.96
C ILE D 11 -23.85 -18.10 15.94
N ASN D 12 -24.69 -17.20 16.40
CA ASN D 12 -25.47 -16.37 15.53
C ASN D 12 -24.75 -15.07 15.21
N LEU D 13 -24.50 -14.85 13.94
CA LEU D 13 -23.94 -13.57 13.52
C LEU D 13 -24.93 -12.51 13.11
N GLU D 14 -26.21 -12.85 13.03
CA GLU D 14 -27.18 -11.90 12.54
C GLU D 14 -26.75 -11.22 11.21
N LYS D 15 -26.29 -12.00 10.26
CA LYS D 15 -25.85 -11.43 9.00
C LYS D 15 -26.98 -10.68 8.31
N ALA D 16 -26.74 -9.45 7.92
CA ALA D 16 -27.73 -8.64 7.23
C ALA D 16 -27.11 -8.03 5.95
N ALA D 17 -27.93 -7.80 4.93
CA ALA D 17 -27.55 -6.96 3.78
C ALA D 17 -27.07 -5.59 4.20
N GLN D 18 -25.93 -5.19 3.70
CA GLN D 18 -25.33 -3.93 4.07
C GLN D 18 -25.63 -2.88 2.96
N SER D 19 -25.75 -1.61 3.31
CA SER D 19 -25.94 -0.54 2.29
C SER D 19 -24.67 0.33 2.20
N ILE D 20 -23.84 0.12 1.21
CA ILE D 20 -22.53 0.77 1.09
C ILE D 20 -22.62 2.02 0.26
N GLN D 21 -22.05 3.12 0.76
CA GLN D 21 -22.02 4.37 0.02
C GLN D 21 -20.63 4.44 -0.57
N ILE D 22 -20.56 4.74 -1.85
CA ILE D 22 -19.31 4.88 -2.60
C ILE D 22 -19.26 6.27 -3.23
N LEU D 23 -18.12 6.94 -3.08
CA LEU D 23 -17.88 8.24 -3.59
C LEU D 23 -16.65 8.16 -4.51
N ALA D 24 -16.82 8.60 -5.75
CA ALA D 24 -15.77 8.70 -6.76
C ALA D 24 -15.39 10.17 -6.74
N VAL D 25 -14.11 10.46 -6.47
CA VAL D 25 -13.60 11.82 -6.46
C VAL D 25 -12.60 11.99 -7.60
N ILE D 26 -12.95 12.82 -8.56
CA ILE D 26 -12.29 12.87 -9.82
C ILE D 26 -11.27 14.05 -9.83
N ASP D 27 -10.04 13.81 -10.25
CA ASP D 27 -9.02 14.91 -10.31
C ASP D 27 -9.21 15.62 -11.68
N THR D 28 -10.17 16.49 -11.74
CA THR D 28 -10.58 17.10 -13.03
C THR D 28 -9.44 17.93 -13.68
N ASN D 29 -8.57 18.56 -12.88
CA ASN D 29 -7.40 19.31 -13.46
C ASN D 29 -6.40 18.40 -14.16
N TYR D 30 -6.15 17.24 -13.58
CA TYR D 30 -5.29 16.23 -14.20
C TYR D 30 -5.88 15.79 -15.52
N ILE D 31 -7.21 15.60 -15.56
CA ILE D 31 -7.90 15.18 -16.75
CA ILE D 31 -7.87 15.15 -16.75
C ILE D 31 -7.79 16.22 -17.85
N LYS D 32 -8.12 17.46 -17.49
CA LYS D 32 -8.16 18.53 -18.49
C LYS D 32 -6.76 18.70 -19.06
N ARG D 33 -5.72 18.67 -18.24
CA ARG D 33 -4.44 18.89 -18.82
C ARG D 33 -3.97 17.68 -19.63
N SER D 34 -4.50 16.50 -19.38
CA SER D 34 -4.01 15.32 -20.07
C SER D 34 -4.90 14.89 -21.26
N HIS D 35 -6.07 15.49 -21.39
CA HIS D 35 -7.04 15.18 -22.45
C HIS D 35 -7.57 16.49 -23.06
N PRO D 36 -6.73 17.16 -23.84
CA PRO D 36 -7.17 18.44 -24.37
C PRO D 36 -8.28 18.30 -25.40
N ASN D 37 -8.33 17.18 -26.13
CA ASN D 37 -9.40 16.98 -27.12
C ASN D 37 -10.26 15.74 -26.84
N PRO D 38 -11.08 15.82 -25.80
CA PRO D 38 -11.83 14.60 -25.40
C PRO D 38 -13.07 14.42 -26.25
N SER D 39 -13.73 13.27 -26.13
CA SER D 39 -15.04 13.10 -26.74
C SER D 39 -16.05 14.16 -26.33
N LEU D 40 -16.74 14.77 -27.31
CA LEU D 40 -17.93 15.58 -27.00
C LEU D 40 -19.24 14.85 -27.28
N ASN D 41 -19.21 13.54 -27.44
CA ASN D 41 -20.42 12.78 -27.65
C ASN D 41 -20.61 11.85 -26.46
N ALA D 42 -21.74 11.97 -25.77
CA ALA D 42 -22.03 11.20 -24.55
C ALA D 42 -22.17 9.72 -24.76
N GLN D 43 -22.43 9.28 -26.01
CA GLN D 43 -22.49 7.87 -26.32
C GLN D 43 -21.15 7.22 -26.57
N ASN D 44 -20.10 8.01 -26.75
CA ASN D 44 -18.76 7.53 -26.91
C ASN D 44 -17.80 8.21 -25.97
N PRO D 45 -17.89 7.87 -24.67
CA PRO D 45 -17.04 8.64 -23.70
C PRO D 45 -15.58 8.23 -23.79
N THR D 46 -14.70 9.18 -23.50
CA THR D 46 -13.19 8.93 -23.58
C THR D 46 -12.71 8.20 -22.29
N SER D 47 -12.05 7.08 -22.47
CA SER D 47 -11.47 6.34 -21.35
C SER D 47 -10.42 7.17 -20.60
N ILE D 48 -10.45 7.16 -19.27
CA ILE D 48 -9.40 7.75 -18.49
C ILE D 48 -8.83 6.68 -17.58
N PRO D 49 -7.55 6.82 -17.18
CA PRO D 49 -6.89 5.87 -16.33
C PRO D 49 -7.43 6.00 -14.92
N SER D 50 -7.42 4.90 -14.18
CA SER D 50 -7.92 4.94 -12.81
C SER D 50 -7.05 5.78 -11.88
N THR D 51 -5.83 6.12 -12.33
CA THR D 51 -4.97 7.10 -11.63
C THR D 51 -5.53 8.53 -11.58
N ALA D 52 -6.49 8.84 -12.44
CA ALA D 52 -7.14 10.14 -12.51
C ALA D 52 -8.24 10.40 -11.47
N LEU D 53 -8.51 9.43 -10.61
CA LEU D 53 -9.56 9.62 -9.60
C LEU D 53 -9.28 8.74 -8.41
N PHE D 54 -10.08 8.90 -7.41
CA PHE D 54 -10.04 8.12 -6.19
C PHE D 54 -11.45 7.59 -5.87
N MSE D 55 -11.54 6.35 -5.38
CA MSE D 55 -12.83 5.86 -4.97
C MSE D 55 -12.82 5.54 -3.48
O MSE D 55 -11.81 5.04 -2.99
CB MSE D 55 -13.31 4.67 -5.78
CG MSE D 55 -13.36 4.93 -7.23
SE MSE D 55 -14.28 3.53 -8.24
CE MSE D 55 -16.05 3.86 -7.71
N LEU D 56 -13.86 5.92 -2.77
CA LEU D 56 -14.00 5.70 -1.41
C LEU D 56 -15.28 4.99 -1.06
N ASN D 57 -15.28 4.16 0.02
CA ASN D 57 -16.56 3.58 0.45
C ASN D 57 -16.58 3.46 1.97
N GLY D 58 -17.76 3.40 2.57
CA GLY D 58 -17.87 3.21 3.99
C GLY D 58 -17.64 1.78 4.32
N HIS D 59 -17.18 1.53 5.54
CA HIS D 59 -16.88 0.18 6.01
C HIS D 59 -18.14 -0.56 6.43
N ALA D 60 -18.11 -1.90 6.38
CA ALA D 60 -19.20 -2.78 6.81
C ALA D 60 -18.60 -4.19 6.92
N PRO D 61 -19.20 -5.09 7.74
CA PRO D 61 -18.68 -6.45 7.82
C PRO D 61 -18.67 -7.23 6.50
N GLY D 62 -17.54 -7.79 6.16
CA GLY D 62 -17.37 -8.52 4.91
C GLY D 62 -17.20 -7.60 3.70
N VAL D 63 -17.00 -6.30 3.95
CA VAL D 63 -16.78 -5.35 2.89
C VAL D 63 -15.35 -4.85 2.92
N SER D 64 -14.60 -4.88 1.83
CA SER D 64 -13.27 -4.27 1.86
C SER D 64 -13.01 -3.59 0.49
N SER D 65 -11.97 -2.81 0.41
CA SER D 65 -11.59 -2.17 -0.84
C SER D 65 -10.15 -1.69 -0.67
N SER D 66 -9.56 -1.21 -1.75
CA SER D 66 -8.31 -0.48 -1.69
C SER D 66 -8.68 1.02 -1.57
N GLU D 67 -8.82 1.52 -0.36
CA GLU D 67 -9.47 2.85 -0.13
C GLU D 67 -8.65 3.95 -0.79
N GLY D 68 -9.25 4.63 -1.73
CA GLY D 68 -8.58 5.74 -2.32
C GLY D 68 -8.19 5.45 -3.74
N ASN D 69 -7.92 4.20 -4.09
CA ASN D 69 -7.60 3.85 -5.46
C ASN D 69 -8.75 4.02 -6.44
N GLY D 70 -8.47 4.55 -7.63
CA GLY D 70 -9.51 4.77 -8.63
C GLY D 70 -10.18 3.50 -9.17
N ASN D 71 -9.50 2.41 -8.98
CA ASN D 71 -10.04 1.10 -9.37
C ASN D 71 -10.92 0.47 -8.28
N LEU D 72 -10.80 0.99 -7.09
CA LEU D 72 -11.57 0.53 -5.89
C LEU D 72 -11.25 -0.89 -5.39
N GLY D 73 -11.39 -1.92 -6.23
CA GLY D 73 -11.13 -3.28 -5.74
C GLY D 73 -12.13 -3.70 -4.65
N LEU D 74 -13.39 -3.36 -4.88
CA LEU D 74 -14.43 -3.61 -3.85
C LEU D 74 -14.71 -5.07 -3.67
N LYS D 75 -14.72 -5.56 -2.45
CA LYS D 75 -15.17 -6.90 -2.23
C LYS D 75 -16.29 -6.82 -1.24
N LEU D 76 -17.48 -7.33 -1.60
CA LEU D 76 -18.58 -7.27 -0.75
C LEU D 76 -19.36 -8.61 -0.73
N ASN D 77 -20.47 -8.60 -0.05
CA ASN D 77 -21.32 -9.82 0.12
C ASN D 77 -22.43 -9.77 -0.94
N VAL D 78 -22.83 -10.91 -1.50
CA VAL D 78 -24.06 -11.03 -2.26
C VAL D 78 -25.17 -10.58 -1.34
N GLY D 79 -26.08 -9.77 -1.87
CA GLY D 79 -27.11 -9.13 -1.09
C GLY D 79 -26.85 -7.73 -0.63
N ASP D 80 -25.60 -7.28 -0.66
CA ASP D 80 -25.25 -5.90 -0.30
C ASP D 80 -25.68 -4.92 -1.42
N LYS D 81 -26.20 -3.77 -1.02
CA LYS D 81 -26.54 -2.71 -1.93
C LYS D 81 -25.37 -1.73 -2.00
N VAL D 82 -25.25 -1.06 -3.13
CA VAL D 82 -24.30 0.01 -3.33
C VAL D 82 -25.01 1.28 -3.89
N SER D 83 -24.45 2.44 -3.54
CA SER D 83 -24.92 3.68 -4.04
C SER D 83 -23.68 4.49 -4.38
N LEU D 84 -23.53 4.83 -5.67
CA LEU D 84 -22.41 5.53 -6.14
C LEU D 84 -22.74 6.96 -6.49
N MSE D 85 -21.88 7.90 -6.06
CA MSE D 85 -21.92 9.29 -6.42
C MSE D 85 -20.57 9.77 -6.84
O MSE D 85 -19.59 9.13 -6.51
CB MSE D 85 -22.55 10.20 -5.36
CG MSE D 85 -23.90 9.69 -4.93
SE MSE D 85 -24.47 10.75 -3.32
CE MSE D 85 -24.60 12.48 -4.23
N GLY D 86 -20.51 10.80 -7.66
CA GLY D 86 -19.26 11.35 -8.12
C GLY D 86 -19.17 12.85 -7.91
N THR D 87 -17.96 13.34 -7.69
CA THR D 87 -17.68 14.71 -7.42
C THR D 87 -16.20 14.98 -7.73
N SER D 88 -15.82 16.23 -7.78
CA SER D 88 -14.46 16.66 -8.12
C SER D 88 -13.74 16.85 -6.80
N LEU D 89 -12.46 17.16 -6.86
CA LEU D 89 -11.70 17.52 -5.66
C LEU D 89 -12.21 18.76 -4.92
N ALA D 90 -12.92 19.64 -5.63
CA ALA D 90 -13.49 20.83 -4.92
C ALA D 90 -14.98 20.66 -4.84
N ASP D 91 -15.39 19.38 -4.76
CA ASP D 91 -16.74 18.96 -4.54
C ASP D 91 -17.73 19.55 -5.58
N ASN D 92 -17.34 19.59 -6.84
CA ASN D 92 -18.17 20.13 -7.90
C ASN D 92 -18.53 21.63 -7.77
N SER D 93 -17.73 22.39 -7.03
CA SER D 93 -17.97 23.82 -6.80
C SER D 93 -17.32 24.64 -7.93
N GLY D 94 -16.42 24.01 -8.66
CA GLY D 94 -15.71 24.68 -9.73
C GLY D 94 -15.93 23.85 -10.93
N ASP D 95 -14.88 23.20 -11.45
CA ASP D 95 -15.10 22.14 -12.45
C ASP D 95 -16.13 21.14 -11.81
N ALA D 96 -16.94 20.46 -12.60
CA ALA D 96 -17.87 19.48 -12.03
C ALA D 96 -17.74 18.17 -12.80
N ALA D 97 -17.72 17.06 -12.08
CA ALA D 97 -17.77 15.77 -12.67
C ALA D 97 -19.14 15.17 -12.32
N LEU D 98 -19.98 14.88 -13.32
CA LEU D 98 -21.35 14.36 -13.09
C LEU D 98 -21.57 13.06 -13.80
N ILE D 99 -21.71 12.00 -13.00
CA ILE D 99 -21.96 10.67 -13.51
C ILE D 99 -23.29 10.64 -14.26
N TYR D 100 -23.31 9.93 -15.40
CA TYR D 100 -24.56 9.71 -16.10
C TYR D 100 -24.86 8.26 -16.46
N HIS D 101 -23.93 7.35 -16.30
CA HIS D 101 -24.22 5.97 -16.56
C HIS D 101 -23.22 5.06 -15.89
N VAL D 102 -23.64 3.88 -15.52
CA VAL D 102 -22.80 2.79 -15.02
C VAL D 102 -23.19 1.53 -15.78
N GLN D 103 -22.26 0.77 -16.33
CA GLN D 103 -22.58 -0.42 -17.05
C GLN D 103 -21.49 -1.48 -16.88
N GLN D 104 -21.79 -2.70 -17.25
CA GLN D 104 -20.83 -3.82 -17.09
C GLN D 104 -19.78 -3.63 -18.16
N TYR D 105 -18.50 -3.73 -17.79
CA TYR D 105 -17.39 -3.74 -18.73
C TYR D 105 -16.88 -5.14 -19.02
N SER D 106 -16.69 -5.96 -17.97
CA SER D 106 -16.20 -7.31 -18.17
C SER D 106 -16.70 -8.19 -17.04
N GLY D 107 -16.63 -9.51 -17.17
CA GLY D 107 -16.81 -10.31 -16.02
C GLY D 107 -18.28 -10.75 -15.85
N ALA D 108 -18.60 -11.16 -14.63
CA ALA D 108 -19.90 -11.71 -14.32
C ALA D 108 -20.87 -10.55 -14.04
N GLN D 109 -22.16 -10.82 -14.11
CA GLN D 109 -23.16 -9.83 -13.76
C GLN D 109 -23.40 -9.86 -12.26
N VAL D 110 -22.36 -9.48 -11.52
CA VAL D 110 -22.43 -9.41 -10.06
C VAL D 110 -23.59 -8.47 -9.65
N PHE D 111 -23.63 -7.29 -10.25
CA PHE D 111 -24.58 -6.28 -9.91
C PHE D 111 -25.74 -6.21 -10.94
N ALA D 112 -26.93 -5.85 -10.45
CA ALA D 112 -28.03 -5.63 -11.32
C ALA D 112 -27.74 -4.33 -12.03
N PRO D 113 -28.43 -4.07 -13.14
CA PRO D 113 -28.30 -2.77 -13.83
C PRO D 113 -28.56 -1.63 -12.80
N PHE D 114 -27.88 -0.53 -12.93
CA PHE D 114 -27.97 0.53 -11.92
C PHE D 114 -29.16 1.40 -12.12
N THR D 115 -29.67 2.02 -11.04
CA THR D 115 -30.81 2.87 -11.09
C THR D 115 -30.32 4.23 -10.68
N ALA D 116 -30.67 5.25 -11.45
CA ALA D 116 -30.38 6.59 -11.14
C ALA D 116 -31.43 7.10 -10.19
N VAL D 117 -31.03 7.60 -9.07
CA VAL D 117 -31.98 8.10 -8.08
C VAL D 117 -31.67 9.53 -7.83
N THR D 118 -32.71 10.33 -7.79
CA THR D 118 -32.53 11.77 -7.65
C THR D 118 -32.83 12.17 -6.20
N ILE D 119 -31.97 12.99 -5.63
CA ILE D 119 -32.07 13.37 -4.23
C ILE D 119 -32.05 14.91 -4.12
N GLU D 120 -32.90 15.44 -3.26
CA GLU D 120 -32.92 16.88 -3.00
C GLU D 120 -32.40 17.08 -1.59
N GLN D 141 -28.46 21.89 -5.00
CA GLN D 141 -29.42 21.30 -4.09
C GLN D 141 -29.90 19.95 -4.63
N VAL D 142 -29.71 19.67 -5.93
CA VAL D 142 -30.14 18.38 -6.48
C VAL D 142 -28.92 17.48 -6.67
N PHE D 143 -29.01 16.24 -6.16
CA PHE D 143 -27.96 15.26 -6.36
C PHE D 143 -28.53 14.06 -7.12
N GLN D 144 -27.65 13.25 -7.66
CA GLN D 144 -28.01 11.99 -8.25
C GLN D 144 -27.08 10.87 -7.76
N ALA D 145 -27.64 9.76 -7.36
CA ALA D 145 -26.89 8.58 -6.91
C ALA D 145 -27.22 7.44 -7.90
N PHE D 146 -26.32 6.49 -8.02
CA PHE D 146 -26.45 5.34 -8.94
C PHE D 146 -26.37 4.10 -8.09
N GLU D 147 -27.52 3.44 -7.95
CA GLU D 147 -27.71 2.38 -6.95
C GLU D 147 -27.91 1.01 -7.60
N SER D 148 -27.44 -0.03 -6.92
CA SER D 148 -27.61 -1.38 -7.35
C SER D 148 -27.45 -2.34 -6.18
N VAL D 149 -27.50 -3.64 -6.47
CA VAL D 149 -27.39 -4.64 -5.46
C VAL D 149 -26.56 -5.74 -6.05
N ALA D 150 -25.70 -6.37 -5.24
CA ALA D 150 -24.98 -7.60 -5.69
C ALA D 150 -25.89 -8.79 -5.65
N LYS D 151 -26.27 -9.22 -6.80
CA LYS D 151 -27.26 -10.27 -6.96
C LYS D 151 -26.57 -11.63 -7.22
N SER D 152 -25.34 -11.66 -7.66
CA SER D 152 -24.62 -12.87 -8.02
C SER D 152 -23.18 -12.87 -7.50
N ALA D 153 -22.62 -14.04 -7.14
CA ALA D 153 -21.24 -14.14 -6.74
C ALA D 153 -20.35 -14.05 -7.93
N GLY D 154 -19.16 -13.52 -7.78
CA GLY D 154 -18.22 -13.44 -8.91
C GLY D 154 -17.46 -12.13 -8.96
N SER D 155 -16.80 -11.86 -10.07
CA SER D 155 -15.98 -10.71 -10.18
C SER D 155 -16.45 -9.89 -11.37
N GLU D 156 -16.68 -8.63 -11.17
CA GLU D 156 -17.16 -7.77 -12.29
C GLU D 156 -16.34 -6.49 -12.44
N TYR D 157 -16.10 -6.06 -13.67
CA TYR D 157 -15.54 -4.74 -13.93
C TYR D 157 -16.66 -3.88 -14.46
N LEU D 158 -16.80 -2.70 -13.88
CA LEU D 158 -17.85 -1.73 -14.21
C LEU D 158 -17.29 -0.47 -14.84
N ALA D 159 -17.95 0.08 -15.84
CA ALA D 159 -17.55 1.30 -16.47
C ALA D 159 -18.53 2.40 -16.04
N THR D 160 -18.04 3.45 -15.44
CA THR D 160 -18.84 4.61 -15.07
C THR D 160 -18.52 5.79 -15.96
N SER D 161 -19.52 6.32 -16.68
CA SER D 161 -19.35 7.45 -17.59
C SER D 161 -19.81 8.72 -16.94
N PHE D 162 -19.05 9.80 -17.10
CA PHE D 162 -19.38 11.09 -16.47
C PHE D 162 -19.08 12.26 -17.42
N ALA D 163 -19.71 13.37 -17.16
CA ALA D 163 -19.57 14.61 -17.98
C ALA D 163 -18.69 15.46 -17.07
N LEU D 164 -17.67 16.06 -17.64
CA LEU D 164 -16.79 16.97 -16.95
C LEU D 164 -17.12 18.39 -17.49
N TYR D 165 -17.53 19.29 -16.61
CA TYR D 165 -17.82 20.66 -17.02
C TYR D 165 -16.81 21.58 -16.39
N THR D 166 -16.37 22.60 -17.14
CA THR D 166 -15.52 23.65 -16.57
C THR D 166 -16.28 24.88 -16.20
N ARG D 167 -15.81 25.58 -15.17
CA ARG D 167 -16.44 26.78 -14.72
C ARG D 167 -15.61 27.93 -15.27
N SER D 168 -16.32 28.86 -15.89
CA SER D 168 -15.76 29.86 -16.74
C SER D 168 -15.95 31.08 -15.92
N GLN D 169 -17.05 31.80 -16.11
CA GLN D 169 -17.25 33.00 -15.38
C GLN D 169 -18.62 33.01 -14.73
N ASN D 170 -18.69 32.43 -13.56
CA ASN D 170 -19.92 32.05 -12.95
C ASN D 170 -20.78 31.26 -13.97
N ARG D 171 -20.16 30.54 -14.90
CA ARG D 171 -20.85 29.72 -15.95
C ARG D 171 -20.17 28.39 -16.26
N LYS D 172 -20.95 27.34 -16.51
CA LYS D 172 -20.40 26.01 -16.75
C LYS D 172 -20.51 25.49 -18.18
N SER D 173 -19.44 25.02 -18.73
CA SER D 173 -19.42 24.56 -20.10
C SER D 173 -18.87 23.16 -20.20
N LEU D 174 -19.43 22.34 -21.09
CA LEU D 174 -18.89 21.02 -21.33
C LEU D 174 -17.43 21.01 -21.69
N PHE D 175 -16.63 20.20 -21.00
CA PHE D 175 -15.31 19.96 -21.41
C PHE D 175 -15.26 18.64 -22.16
N GLY D 176 -15.94 17.64 -21.65
CA GLY D 176 -15.98 16.35 -22.31
C GLY D 176 -16.72 15.25 -21.54
N TYR D 177 -16.84 14.11 -22.20
CA TYR D 177 -17.42 12.96 -21.66
C TYR D 177 -16.34 11.90 -21.52
N PHE D 178 -16.31 11.26 -20.35
CA PHE D 178 -15.26 10.32 -20.01
C PHE D 178 -15.84 9.07 -19.33
N PHE D 179 -15.10 7.98 -19.28
CA PHE D 179 -15.40 6.89 -18.35
C PHE D 179 -14.17 6.31 -17.71
N TRP D 180 -14.31 5.69 -16.54
CA TRP D 180 -13.24 4.89 -15.95
C TRP D 180 -13.83 3.55 -15.68
N VAL D 181 -12.95 2.59 -15.46
CA VAL D 181 -13.31 1.25 -15.14
C VAL D 181 -12.89 0.91 -13.76
N TRP D 182 -13.77 0.35 -12.97
CA TRP D 182 -13.40 -0.09 -11.63
C TRP D 182 -13.81 -1.53 -11.40
N GLN D 183 -13.35 -2.16 -10.30
CA GLN D 183 -13.47 -3.59 -10.12
C GLN D 183 -14.11 -3.89 -8.82
N ALA D 184 -14.91 -4.90 -8.84
CA ALA D 184 -15.74 -5.29 -7.66
C ALA D 184 -15.90 -6.83 -7.71
N ALA D 185 -16.07 -7.43 -6.52
CA ALA D 185 -16.39 -8.84 -6.41
C ALA D 185 -17.36 -9.03 -5.29
N ALA D 186 -18.24 -9.98 -5.47
CA ALA D 186 -19.12 -10.45 -4.40
C ALA D 186 -18.88 -11.90 -4.07
N ALA D 187 -18.98 -12.19 -2.78
CA ALA D 187 -19.06 -13.53 -2.27
C ALA D 187 -20.33 -13.66 -1.37
N ILE E 11 18.12 21.26 -16.52
CA ILE E 11 18.65 22.63 -16.08
C ILE E 11 17.50 23.60 -15.71
N ASN E 12 16.71 24.09 -16.65
CA ASN E 12 15.50 24.91 -16.32
C ASN E 12 14.24 24.07 -16.11
N LEU E 13 13.75 23.98 -14.88
CA LEU E 13 12.52 23.24 -14.63
C LEU E 13 11.28 24.14 -14.48
N GLU E 14 11.50 25.45 -14.55
CA GLU E 14 10.41 26.44 -14.36
C GLU E 14 9.43 26.03 -13.21
N LYS E 15 10.03 25.76 -12.08
CA LYS E 15 9.28 25.35 -10.94
C LYS E 15 8.25 26.42 -10.55
N ALA E 16 6.98 26.00 -10.51
CA ALA E 16 5.81 26.86 -10.31
C ALA E 16 5.16 26.50 -8.96
N ALA E 17 4.70 27.51 -8.21
CA ALA E 17 3.92 27.29 -7.01
C ALA E 17 2.62 26.52 -7.36
N GLN E 18 2.23 25.50 -6.62
CA GLN E 18 1.07 24.67 -7.00
C GLN E 18 -0.16 25.07 -6.17
N SER E 19 -1.32 24.88 -6.73
CA SER E 19 -2.58 25.06 -6.03
C SER E 19 -3.28 23.70 -5.80
N ILE E 20 -3.20 23.20 -4.57
CA ILE E 20 -3.62 21.87 -4.27
C ILE E 20 -5.02 21.88 -3.66
N GLN E 21 -5.96 21.18 -4.29
CA GLN E 21 -7.28 20.98 -3.73
C GLN E 21 -7.25 19.71 -2.88
N ILE E 22 -7.78 19.81 -1.69
CA ILE E 22 -7.84 18.72 -0.74
C ILE E 22 -9.34 18.49 -0.42
N LEU E 23 -9.80 17.24 -0.51
CA LEU E 23 -11.15 16.92 -0.14
C LEU E 23 -11.13 15.92 1.04
N ALA E 24 -11.81 16.26 2.13
CA ALA E 24 -11.98 15.33 3.26
C ALA E 24 -13.33 14.66 3.16
N VAL E 25 -13.36 13.34 3.15
CA VAL E 25 -14.66 12.67 2.95
C VAL E 25 -14.94 11.92 4.26
N ILE E 26 -16.04 12.26 4.91
CA ILE E 26 -16.30 11.85 6.27
C ILE E 26 -17.33 10.72 6.29
N ASP E 27 -17.06 9.63 6.96
CA ASP E 27 -18.05 8.57 7.03
C ASP E 27 -19.01 8.91 8.20
N THR E 28 -20.03 9.66 7.87
CA THR E 28 -20.99 10.19 8.87
C THR E 28 -21.73 9.07 9.62
N ASN E 29 -22.05 8.01 8.93
CA ASN E 29 -22.67 6.83 9.62
C ASN E 29 -21.73 6.22 10.63
N TYR E 30 -20.47 6.08 10.28
CA TYR E 30 -19.52 5.59 11.26
C TYR E 30 -19.43 6.53 12.50
N ILE E 31 -19.37 7.82 12.27
CA ILE E 31 -19.29 8.75 13.38
C ILE E 31 -20.54 8.64 14.30
N LYS E 32 -21.70 8.55 13.70
CA LYS E 32 -22.91 8.51 14.47
C LYS E 32 -22.94 7.30 15.39
N ARG E 33 -22.66 6.11 14.84
CA ARG E 33 -22.52 4.90 15.65
C ARG E 33 -21.46 5.03 16.73
N SER E 34 -20.25 5.48 16.36
CA SER E 34 -19.09 5.53 17.25
C SER E 34 -19.10 6.58 18.37
N HIS E 35 -19.79 7.69 18.13
CA HIS E 35 -19.76 8.87 19.02
C HIS E 35 -21.16 9.40 19.14
N PRO E 36 -22.05 8.66 19.85
CA PRO E 36 -23.48 8.95 19.99
C PRO E 36 -23.81 10.16 20.86
N ASN E 37 -22.87 10.59 21.68
CA ASN E 37 -23.11 11.72 22.56
C ASN E 37 -21.99 12.73 22.40
N PRO E 38 -21.91 13.39 21.24
CA PRO E 38 -20.82 14.33 21.01
C PRO E 38 -21.12 15.72 21.57
N SER E 39 -20.12 16.58 21.58
CA SER E 39 -20.29 18.00 21.90
C SER E 39 -21.33 18.69 21.05
N LEU E 40 -22.15 19.51 21.72
CA LEU E 40 -23.11 20.37 21.12
C LEU E 40 -22.64 21.78 21.26
N ASN E 41 -21.37 21.91 21.56
CA ASN E 41 -20.71 23.19 21.68
C ASN E 41 -19.55 23.39 20.66
N ALA E 42 -19.75 24.30 19.73
CA ALA E 42 -18.84 24.38 18.57
C ALA E 42 -17.43 24.84 19.00
N GLN E 43 -17.36 25.54 20.11
CA GLN E 43 -16.08 25.93 20.69
C GLN E 43 -15.37 24.77 21.29
N ASN E 44 -16.04 23.65 21.49
CA ASN E 44 -15.41 22.53 22.16
C ASN E 44 -15.72 21.18 21.45
N PRO E 45 -15.28 21.07 20.19
CA PRO E 45 -15.59 19.86 19.41
C PRO E 45 -14.96 18.56 19.94
N THR E 46 -15.66 17.48 19.67
CA THR E 46 -15.32 16.16 20.05
C THR E 46 -14.27 15.52 19.11
N SER E 47 -13.25 14.97 19.73
CA SER E 47 -12.18 14.32 18.98
C SER E 47 -12.66 13.07 18.31
N ILE E 48 -12.34 12.93 17.03
CA ILE E 48 -12.51 11.67 16.35
C ILE E 48 -11.16 11.18 15.79
N PRO E 49 -11.03 9.86 15.60
CA PRO E 49 -9.91 9.16 14.94
C PRO E 49 -9.91 9.48 13.44
N SER E 50 -8.73 9.54 12.84
CA SER E 50 -8.63 9.87 11.42
C SER E 50 -9.11 8.64 10.63
N THR E 51 -9.33 7.56 11.36
CA THR E 51 -9.94 6.39 10.81
C THR E 51 -11.37 6.59 10.26
N ALA E 52 -12.10 7.56 10.73
CA ALA E 52 -13.48 7.75 10.29
C ALA E 52 -13.60 8.55 9.00
N LEU E 53 -12.49 8.95 8.41
CA LEU E 53 -12.61 9.71 7.23
C LEU E 53 -11.51 9.43 6.27
N PHE E 54 -11.62 10.01 5.09
CA PHE E 54 -10.61 9.89 4.07
C PHE E 54 -10.19 11.30 3.62
N MSE E 55 -8.90 11.49 3.31
CA MSE E 55 -8.47 12.72 2.71
C MSE E 55 -7.82 12.44 1.34
O MSE E 55 -7.01 11.56 1.21
CB MSE E 55 -7.61 13.48 3.70
CG MSE E 55 -8.38 14.08 4.95
SE MSE E 55 -7.11 15.08 5.97
CE MSE E 55 -7.16 16.76 4.96
N LEU E 56 -8.13 13.22 0.33
CA LEU E 56 -7.54 13.06 -0.95
C LEU E 56 -7.04 14.46 -1.45
N ASN E 57 -6.07 14.48 -2.35
CA ASN E 57 -5.60 15.71 -2.97
C ASN E 57 -5.22 15.46 -4.40
N GLY E 58 -5.18 16.52 -5.19
CA GLY E 58 -4.82 16.46 -6.60
C GLY E 58 -3.35 16.22 -6.70
N HIS E 59 -2.97 15.53 -7.75
CA HIS E 59 -1.57 15.33 -8.09
C HIS E 59 -0.90 16.64 -8.58
N ALA E 60 0.38 16.85 -8.24
CA ALA E 60 1.22 17.91 -8.79
C ALA E 60 2.68 17.60 -8.48
N PRO E 61 3.63 18.19 -9.26
CA PRO E 61 5.06 17.97 -9.02
C PRO E 61 5.52 18.35 -7.64
N GLY E 62 6.19 17.46 -6.94
CA GLY E 62 6.64 17.75 -5.58
C GLY E 62 5.56 17.57 -4.55
N VAL E 63 4.37 17.10 -4.95
CA VAL E 63 3.32 16.87 -3.99
C VAL E 63 3.06 15.38 -3.88
N SER E 64 2.99 14.87 -2.66
CA SER E 64 2.55 13.47 -2.43
C SER E 64 1.73 13.37 -1.17
N SER E 65 1.06 12.25 -1.01
CA SER E 65 0.26 12.08 0.17
C SER E 65 0.01 10.55 0.35
N SER E 66 -0.64 10.18 1.44
CA SER E 66 -1.11 8.80 1.54
C SER E 66 -2.61 8.85 1.19
N GLU E 67 -2.86 8.69 -0.10
CA GLU E 67 -4.15 9.05 -0.69
C GLU E 67 -5.20 8.11 -0.07
N GLY E 68 -6.20 8.65 0.57
CA GLY E 68 -7.27 7.87 1.14
C GLY E 68 -7.20 8.03 2.66
N ASN E 69 -6.03 8.03 3.25
CA ASN E 69 -5.92 7.97 4.71
C ASN E 69 -6.43 9.26 5.32
N GLY E 70 -7.13 9.16 6.42
CA GLY E 70 -7.71 10.34 7.11
C GLY E 70 -6.65 11.32 7.63
N ASN E 71 -5.43 10.82 7.73
CA ASN E 71 -4.26 11.56 8.22
C ASN E 71 -3.51 12.31 7.11
N LEU E 72 -3.78 11.91 5.88
CA LEU E 72 -3.24 12.43 4.61
C LEU E 72 -1.72 12.27 4.46
N GLY E 73 -0.96 12.69 5.44
CA GLY E 73 0.49 12.75 5.36
C GLY E 73 0.92 13.53 4.13
N LEU E 74 0.40 14.77 3.93
CA LEU E 74 0.69 15.57 2.75
C LEU E 74 2.12 16.10 2.79
N LYS E 75 2.86 16.02 1.68
CA LYS E 75 4.21 16.60 1.53
C LYS E 75 4.14 17.53 0.34
N LEU E 76 4.37 18.80 0.52
CA LEU E 76 4.29 19.69 -0.57
C LEU E 76 5.51 20.64 -0.52
N ASN E 77 5.47 21.64 -1.37
CA ASN E 77 6.54 22.63 -1.53
C ASN E 77 6.15 23.92 -0.81
N VAL E 78 7.11 24.56 -0.17
CA VAL E 78 6.90 25.93 0.30
C VAL E 78 6.44 26.80 -0.85
N GLY E 79 5.43 27.63 -0.63
CA GLY E 79 4.81 28.41 -1.69
C GLY E 79 3.49 27.84 -2.21
N ASP E 80 3.28 26.53 -2.02
CA ASP E 80 2.07 25.89 -2.56
C ASP E 80 0.84 26.33 -1.75
N LYS E 81 -0.26 26.56 -2.44
CA LYS E 81 -1.56 26.90 -1.81
C LYS E 81 -2.31 25.59 -1.57
N VAL E 82 -3.05 25.54 -0.48
CA VAL E 82 -3.98 24.42 -0.24
C VAL E 82 -5.39 24.99 -0.14
N SER E 83 -6.39 24.22 -0.59
CA SER E 83 -7.77 24.62 -0.44
C SER E 83 -8.52 23.34 0.01
N LEU E 84 -9.05 23.38 1.21
CA LEU E 84 -9.68 22.22 1.85
C LEU E 84 -11.14 22.34 1.92
N MSE E 85 -11.84 21.30 1.50
CA MSE E 85 -13.27 21.17 1.64
C MSE E 85 -13.61 19.84 2.20
O MSE E 85 -12.81 18.87 2.11
CB MSE E 85 -13.94 21.30 0.25
CG MSE E 85 -13.73 22.69 -0.30
SE MSE E 85 -14.41 22.84 -2.09
CE MSE E 85 -16.26 22.76 -1.72
N GLY E 86 -14.82 19.71 2.76
CA GLY E 86 -15.22 18.52 3.39
C GLY E 86 -16.62 18.15 2.95
N THR E 87 -16.90 16.86 2.96
CA THR E 87 -18.16 16.33 2.59
C THR E 87 -18.39 14.91 3.12
N SER E 88 -19.62 14.37 3.04
CA SER E 88 -19.91 13.02 3.52
C SER E 88 -19.69 11.97 2.36
N LEU E 89 -19.72 10.69 2.65
CA LEU E 89 -19.69 9.69 1.51
C LEU E 89 -20.88 9.77 0.55
N ALA E 90 -21.95 10.46 0.94
CA ALA E 90 -23.10 10.68 0.05
C ALA E 90 -23.10 12.16 -0.44
N ASP E 91 -21.94 12.77 -0.38
CA ASP E 91 -21.68 14.08 -0.89
C ASP E 91 -22.56 15.15 -0.16
N ASN E 92 -22.81 14.93 1.11
CA ASN E 92 -23.67 15.85 1.88
C ASN E 92 -25.13 15.98 1.37
N SER E 93 -25.62 14.92 0.74
CA SER E 93 -26.93 14.91 0.19
C SER E 93 -27.97 14.50 1.19
N GLY E 94 -27.54 13.81 2.25
CA GLY E 94 -28.39 13.42 3.34
C GLY E 94 -27.85 14.06 4.62
N ASP E 95 -27.15 13.26 5.43
CA ASP E 95 -26.43 13.80 6.52
C ASP E 95 -25.41 14.77 5.89
N ALA E 96 -24.98 15.77 6.62
CA ALA E 96 -24.01 16.68 6.10
C ALA E 96 -22.85 16.89 7.09
N ALA E 97 -21.64 17.00 6.56
CA ALA E 97 -20.45 17.25 7.36
C ALA E 97 -19.89 18.51 6.80
N LEU E 98 -19.81 19.53 7.63
CA LEU E 98 -19.45 20.87 7.17
C LEU E 98 -18.31 21.46 8.00
N ILE E 99 -17.14 21.65 7.38
CA ILE E 99 -15.95 22.15 8.08
C ILE E 99 -16.23 23.59 8.52
N TYR E 100 -15.91 23.95 9.74
CA TYR E 100 -16.02 25.37 10.13
C TYR E 100 -14.72 26.01 10.67
N HIS E 101 -13.66 25.24 10.79
CA HIS E 101 -12.41 25.78 11.32
C HIS E 101 -11.25 24.86 11.02
N VAL E 102 -10.10 25.47 10.73
CA VAL E 102 -8.84 24.74 10.65
C VAL E 102 -7.74 25.48 11.44
N GLN E 103 -7.01 24.81 12.29
CA GLN E 103 -5.94 25.46 13.01
C GLN E 103 -4.78 24.55 13.32
N GLN E 104 -3.65 25.15 13.68
CA GLN E 104 -2.51 24.38 14.06
C GLN E 104 -2.77 23.51 15.25
N TYR E 105 -2.27 22.26 15.24
CA TYR E 105 -2.40 21.34 16.38
C TYR E 105 -1.07 21.08 17.03
N SER E 106 -0.05 20.79 16.24
CA SER E 106 1.30 20.43 16.70
C SER E 106 2.29 20.90 15.64
N GLY E 107 3.56 20.93 16.03
CA GLY E 107 4.62 21.14 15.07
C GLY E 107 4.89 22.56 14.65
N ALA E 108 5.47 22.73 13.47
CA ALA E 108 5.89 24.03 12.99
C ALA E 108 4.71 24.74 12.37
N GLN E 109 4.72 26.05 12.39
CA GLN E 109 3.66 26.77 11.68
C GLN E 109 4.03 26.80 10.20
N VAL E 110 3.79 25.69 9.49
CA VAL E 110 4.07 25.61 8.07
C VAL E 110 3.09 26.43 7.26
N PHE E 111 1.82 26.38 7.62
CA PHE E 111 0.77 27.10 6.93
C PHE E 111 0.37 28.45 7.62
N ALA E 112 0.06 29.44 6.80
CA ALA E 112 -0.58 30.66 7.25
C ALA E 112 -1.91 30.29 7.90
N PRO E 113 -2.44 31.17 8.76
CA PRO E 113 -3.82 30.96 9.20
C PRO E 113 -4.76 30.68 8.03
N PHE E 114 -5.70 29.74 8.20
CA PHE E 114 -6.61 29.40 7.14
C PHE E 114 -7.72 30.44 6.92
N THR E 115 -8.09 30.72 5.69
CA THR E 115 -9.21 31.59 5.46
C THR E 115 -10.41 30.88 4.80
N ALA E 116 -11.62 31.17 5.27
CA ALA E 116 -12.80 30.58 4.68
C ALA E 116 -13.15 31.37 3.44
N VAL E 117 -13.45 30.71 2.35
CA VAL E 117 -13.81 31.43 1.16
C VAL E 117 -15.09 30.80 0.66
N THR E 118 -16.01 31.65 0.27
CA THR E 118 -17.32 31.23 -0.16
C THR E 118 -17.28 31.12 -1.67
N ILE E 119 -17.78 29.99 -2.16
CA ILE E 119 -17.87 29.75 -3.59
C ILE E 119 -19.33 29.53 -3.89
N GLU E 120 -19.83 30.31 -4.83
CA GLU E 120 -21.26 30.30 -5.15
C GLU E 120 -21.57 29.49 -6.37
N GLN E 141 -25.95 24.53 -3.13
CA GLN E 141 -25.51 25.51 -4.11
C GLN E 141 -24.39 26.42 -3.58
N VAL E 142 -24.32 26.70 -2.28
CA VAL E 142 -23.18 27.48 -1.73
C VAL E 142 -22.17 26.58 -1.02
N PHE E 143 -20.89 26.72 -1.39
CA PHE E 143 -19.81 25.93 -0.74
C PHE E 143 -18.84 26.82 -0.02
N GLN E 144 -18.09 26.23 0.88
CA GLN E 144 -17.08 26.93 1.57
C GLN E 144 -15.79 26.10 1.50
N ALA E 145 -14.66 26.74 1.24
CA ALA E 145 -13.35 26.13 1.30
C ALA E 145 -12.46 26.85 2.30
N PHE E 146 -11.43 26.16 2.75
CA PHE E 146 -10.53 26.70 3.75
C PHE E 146 -9.16 26.66 3.17
N GLU E 147 -8.57 27.84 2.98
CA GLU E 147 -7.39 28.02 2.13
C GLU E 147 -6.21 28.53 2.90
N SER E 148 -5.02 28.03 2.58
CA SER E 148 -3.80 28.53 3.16
C SER E 148 -2.64 28.38 2.18
N VAL E 149 -1.45 28.83 2.56
CA VAL E 149 -0.26 28.61 1.77
C VAL E 149 0.79 28.12 2.71
N ALA E 150 1.62 27.16 2.27
CA ALA E 150 2.75 26.70 2.99
C ALA E 150 3.81 27.81 2.93
N LYS E 151 4.02 28.48 4.04
CA LYS E 151 4.97 29.60 4.04
C LYS E 151 6.31 29.35 4.69
N SER E 152 6.48 28.25 5.39
CA SER E 152 7.77 27.88 5.92
C SER E 152 8.00 26.40 5.72
N ALA E 153 9.25 25.97 5.78
CA ALA E 153 9.54 24.52 5.75
C ALA E 153 9.31 23.90 7.14
N GLY E 154 8.92 22.63 7.15
CA GLY E 154 8.80 21.86 8.37
C GLY E 154 7.59 20.91 8.36
N SER E 155 7.28 20.32 9.51
CA SER E 155 6.11 19.48 9.63
C SER E 155 5.10 20.06 10.64
N GLU E 156 3.82 20.04 10.27
CA GLU E 156 2.74 20.58 11.10
C GLU E 156 1.60 19.58 11.18
N TYR E 157 1.03 19.42 12.35
CA TYR E 157 -0.25 18.73 12.48
C TYR E 157 -1.36 19.81 12.56
N LEU E 158 -2.46 19.57 11.87
CA LEU E 158 -3.59 20.51 11.79
C LEU E 158 -4.81 19.82 12.38
N ALA E 159 -5.63 20.60 13.07
CA ALA E 159 -6.94 20.12 13.52
C ALA E 159 -8.01 20.75 12.67
N THR E 160 -8.93 19.94 12.17
CA THR E 160 -10.00 20.49 11.39
C THR E 160 -11.29 20.15 12.12
N SER E 161 -12.16 21.17 12.33
CA SER E 161 -13.39 21.02 13.06
C SER E 161 -14.54 21.01 12.09
N PHE E 162 -15.51 20.16 12.29
CA PHE E 162 -16.67 20.23 11.44
C PHE E 162 -17.95 19.95 12.20
N ALA E 163 -19.02 20.33 11.57
CA ALA E 163 -20.39 20.09 12.14
C ALA E 163 -20.99 18.95 11.37
N LEU E 164 -21.60 18.01 12.09
CA LEU E 164 -22.31 16.92 11.47
C LEU E 164 -23.80 17.13 11.68
N TYR E 165 -24.56 17.26 10.59
CA TYR E 165 -26.01 17.44 10.65
C TYR E 165 -26.69 16.21 10.10
N THR E 166 -27.82 15.83 10.70
CA THR E 166 -28.60 14.73 10.17
C THR E 166 -29.81 15.28 9.46
N ARG E 167 -30.29 14.50 8.48
CA ARG E 167 -31.42 14.88 7.68
C ARG E 167 -32.64 14.37 8.37
N SER E 168 -33.37 15.24 9.07
CA SER E 168 -34.61 14.83 9.78
C SER E 168 -35.63 14.28 8.76
N GLN E 169 -36.44 15.14 8.17
CA GLN E 169 -37.21 14.73 6.98
C GLN E 169 -36.57 15.40 5.75
N ASN E 170 -37.07 16.57 5.37
CA ASN E 170 -36.35 17.48 4.52
C ASN E 170 -35.85 18.68 5.33
N ARG E 171 -35.50 18.45 6.60
CA ARG E 171 -34.80 19.47 7.41
C ARG E 171 -33.48 18.91 8.00
N LYS E 172 -32.59 19.80 8.43
CA LYS E 172 -31.31 19.40 9.03
C LYS E 172 -31.33 19.59 10.54
N SER E 173 -30.82 18.61 11.29
CA SER E 173 -30.63 18.76 12.74
C SER E 173 -29.17 18.58 13.09
N LEU E 174 -28.69 19.31 14.08
CA LEU E 174 -27.33 19.22 14.50
C LEU E 174 -27.12 17.93 15.28
N PHE E 175 -26.17 17.12 14.83
CA PHE E 175 -25.78 15.88 15.54
C PHE E 175 -24.65 16.22 16.50
N GLY E 176 -23.59 16.86 16.02
CA GLY E 176 -22.52 17.20 16.90
C GLY E 176 -21.40 17.94 16.21
N TYR E 177 -20.51 18.51 17.01
CA TYR E 177 -19.26 19.09 16.52
C TYR E 177 -18.08 18.21 16.82
N PHE E 178 -17.20 18.01 15.83
CA PHE E 178 -16.08 17.09 15.91
C PHE E 178 -14.81 17.74 15.32
N PHE E 179 -13.66 17.22 15.68
CA PHE E 179 -12.40 17.56 14.96
C PHE E 179 -11.53 16.34 14.75
N TRP E 180 -10.77 16.34 13.66
CA TRP E 180 -9.77 15.34 13.47
C TRP E 180 -8.42 16.03 13.27
N VAL E 181 -7.35 15.27 13.37
CA VAL E 181 -6.00 15.78 13.28
C VAL E 181 -5.34 15.15 12.07
N TRP E 182 -4.80 15.99 11.18
CA TRP E 182 -4.08 15.48 10.04
C TRP E 182 -2.65 16.08 9.95
N GLN E 183 -1.80 15.50 9.10
CA GLN E 183 -0.33 15.78 9.09
C GLN E 183 0.06 16.29 7.70
N ALA E 184 0.88 17.33 7.66
CA ALA E 184 1.44 17.87 6.43
C ALA E 184 2.88 18.32 6.65
N ALA E 185 3.68 18.41 5.58
CA ALA E 185 5.02 18.87 5.66
C ALA E 185 5.33 19.63 4.40
N ALA E 186 6.12 20.72 4.51
CA ALA E 186 6.60 21.39 3.33
C ALA E 186 8.11 21.44 3.28
N ALA E 187 8.65 21.38 2.06
CA ALA E 187 10.05 21.49 1.85
C ALA E 187 10.28 22.61 0.84
N PRO F 8 -13.77 32.07 15.82
CA PRO F 8 -12.61 31.57 15.02
C PRO F 8 -11.32 31.56 15.82
N ASN F 9 -11.15 32.53 16.71
CA ASN F 9 -10.16 32.45 17.76
C ASN F 9 -10.81 31.98 19.06
N SER F 10 -11.94 31.31 18.96
CA SER F 10 -12.52 30.79 20.18
C SER F 10 -12.73 29.27 20.10
N ILE F 11 -12.08 28.60 19.15
CA ILE F 11 -12.19 27.16 19.12
C ILE F 11 -11.09 26.51 19.94
N ASN F 12 -11.48 25.85 21.03
CA ASN F 12 -10.56 25.09 21.88
C ASN F 12 -10.53 23.63 21.52
N LEU F 13 -9.36 23.02 21.63
CA LEU F 13 -9.17 21.61 21.31
C LEU F 13 -8.53 20.91 22.48
N GLU F 14 -9.20 19.89 23.00
CA GLU F 14 -8.63 19.14 24.11
C GLU F 14 -7.45 18.46 23.48
N LYS F 15 -6.29 18.64 24.10
CA LYS F 15 -5.04 18.06 23.58
C LYS F 15 -4.32 17.43 24.73
N ALA F 16 -4.26 16.10 24.71
CA ALA F 16 -3.66 15.33 25.80
C ALA F 16 -2.48 14.49 25.28
N ALA F 17 -1.61 14.08 26.21
CA ALA F 17 -0.57 13.15 25.90
C ALA F 17 -1.17 11.77 25.61
N GLN F 18 -0.76 11.14 24.51
CA GLN F 18 -1.25 9.81 24.17
C GLN F 18 -0.36 8.70 24.70
N SER F 19 -0.94 7.54 24.92
CA SER F 19 -0.19 6.39 25.34
C SER F 19 -0.32 5.29 24.25
N ILE F 20 0.73 5.09 23.49
CA ILE F 20 0.61 4.30 22.25
C ILE F 20 1.24 2.93 22.47
N GLN F 21 0.47 1.89 22.16
CA GLN F 21 0.99 0.52 22.23
C GLN F 21 1.53 0.13 20.83
N ILE F 22 2.74 -0.40 20.77
CA ILE F 22 3.36 -0.90 19.51
C ILE F 22 3.70 -2.36 19.70
N LEU F 23 3.39 -3.22 18.72
CA LEU F 23 3.71 -4.61 18.78
C LEU F 23 4.51 -4.94 17.51
N ALA F 24 5.63 -5.58 17.68
CA ALA F 24 6.44 -6.02 16.58
C ALA F 24 6.15 -7.45 16.44
N VAL F 25 5.82 -7.88 15.23
CA VAL F 25 5.46 -9.31 15.02
C VAL F 25 6.49 -9.87 14.07
N ILE F 26 7.28 -10.83 14.54
CA ILE F 26 8.43 -11.29 13.81
C ILE F 26 8.24 -12.63 13.11
N ASP F 27 8.62 -12.71 11.85
CA ASP F 27 8.51 -14.01 11.09
C ASP F 27 9.74 -14.81 11.35
N THR F 28 9.70 -15.57 12.43
CA THR F 28 10.79 -16.34 12.90
C THR F 28 11.25 -17.46 11.88
N ASN F 29 10.34 -18.11 11.25
CA ASN F 29 10.65 -19.13 10.21
C ASN F 29 11.45 -18.55 9.04
N TYR F 30 10.91 -17.44 8.56
CA TYR F 30 11.63 -16.66 7.57
C TYR F 30 13.05 -16.37 8.09
N ILE F 31 13.25 -15.81 9.28
CA ILE F 31 14.55 -15.45 9.81
C ILE F 31 15.46 -16.66 9.91
N LYS F 32 14.93 -17.76 10.41
CA LYS F 32 15.71 -18.95 10.56
C LYS F 32 16.27 -19.37 9.17
N ARG F 33 15.40 -19.40 8.18
CA ARG F 33 15.75 -19.77 6.83
C ARG F 33 16.84 -18.87 6.20
N SER F 34 16.70 -17.57 6.35
CA SER F 34 17.58 -16.60 5.74
C SER F 34 18.82 -16.28 6.59
N HIS F 35 18.87 -16.69 7.85
CA HIS F 35 20.05 -16.46 8.66
C HIS F 35 20.42 -17.76 9.38
N PRO F 36 20.97 -18.74 8.64
CA PRO F 36 21.21 -20.05 9.28
C PRO F 36 22.35 -20.06 10.31
N ASN F 37 23.32 -19.14 10.19
CA ASN F 37 24.43 -19.04 11.15
CA ASN F 37 24.45 -19.05 11.13
C ASN F 37 24.54 -17.64 11.74
N PRO F 38 23.59 -17.31 12.65
CA PRO F 38 23.55 -15.95 13.22
C PRO F 38 24.48 -15.73 14.38
N SER F 39 24.56 -14.49 14.84
CA SER F 39 25.40 -14.18 16.00
C SER F 39 24.87 -14.92 17.25
N LEU F 40 25.78 -15.49 18.02
CA LEU F 40 25.42 -16.01 19.34
C LEU F 40 25.94 -15.08 20.42
N ASN F 41 26.25 -13.87 20.04
CA ASN F 41 26.68 -12.84 20.96
C ASN F 41 25.65 -11.74 21.01
N ALA F 42 24.95 -11.62 22.13
CA ALA F 42 23.90 -10.60 22.29
C ALA F 42 24.43 -9.16 22.24
N GLN F 43 25.74 -8.99 22.40
CA GLN F 43 26.35 -7.65 22.31
C GLN F 43 26.66 -7.27 20.85
N ASN F 44 26.67 -8.27 19.99
CA ASN F 44 26.83 -8.06 18.54
C ASN F 44 25.73 -8.72 17.71
N PRO F 45 24.50 -8.21 17.82
CA PRO F 45 23.35 -8.85 17.12
C PRO F 45 23.43 -8.80 15.56
N THR F 46 22.85 -9.79 14.91
CA THR F 46 22.83 -9.91 13.46
C THR F 46 21.69 -9.05 12.90
N SER F 47 22.06 -8.12 12.06
CA SER F 47 21.13 -7.25 11.33
C SER F 47 20.20 -8.06 10.50
N ILE F 48 18.88 -7.83 10.63
CA ILE F 48 17.90 -8.40 9.69
C ILE F 48 17.12 -7.28 8.99
N PRO F 49 16.55 -7.56 7.82
CA PRO F 49 15.89 -6.48 7.07
C PRO F 49 14.51 -6.26 7.68
N SER F 50 13.87 -5.16 7.37
CA SER F 50 12.58 -4.88 7.98
C SER F 50 11.48 -5.74 7.33
N THR F 51 11.81 -6.43 6.25
CA THR F 51 10.88 -7.31 5.56
C THR F 51 10.58 -8.53 6.36
N ALA F 52 11.40 -8.81 7.38
CA ALA F 52 11.24 -10.03 8.16
C ALA F 52 10.19 -9.88 9.26
N LEU F 53 9.67 -8.68 9.46
CA LEU F 53 8.70 -8.51 10.55
C LEU F 53 7.66 -7.49 10.21
N PHE F 54 6.73 -7.32 11.12
CA PHE F 54 5.63 -6.40 10.97
C PHE F 54 5.50 -5.58 12.24
N MSE F 55 5.23 -4.31 12.15
CA MSE F 55 5.01 -3.45 13.33
C MSE F 55 3.66 -2.91 13.22
O MSE F 55 3.20 -2.51 12.13
CB MSE F 55 6.04 -2.27 13.43
CG MSE F 55 7.40 -2.85 13.67
SE MSE F 55 8.77 -1.51 14.09
CE MSE F 55 8.20 -0.85 15.83
N LEU F 56 2.97 -2.82 14.35
CA LEU F 56 1.61 -2.35 14.45
C LEU F 56 1.46 -1.40 15.65
N ASN F 57 0.54 -0.47 15.56
CA ASN F 57 0.24 0.46 16.71
C ASN F 57 -1.19 0.86 16.74
N GLY F 58 -1.67 1.23 17.92
CA GLY F 58 -3.05 1.65 18.06
C GLY F 58 -3.19 3.07 17.59
N HIS F 59 -4.40 3.44 17.17
CA HIS F 59 -4.60 4.78 16.62
C HIS F 59 -4.76 5.78 17.75
N ALA F 60 -4.46 7.06 17.47
CA ALA F 60 -4.79 8.15 18.37
C ALA F 60 -4.70 9.47 17.57
N PRO F 61 -5.30 10.59 18.07
CA PRO F 61 -5.15 11.81 17.29
C PRO F 61 -3.70 12.24 17.16
N GLY F 62 -3.28 12.55 15.96
CA GLY F 62 -1.94 13.01 15.77
C GLY F 62 -0.93 11.88 15.61
N VAL F 63 -1.42 10.65 15.61
CA VAL F 63 -0.54 9.55 15.46
C VAL F 63 -0.81 8.84 14.16
N SER F 64 0.21 8.52 13.39
CA SER F 64 -0.02 7.72 12.18
C SER F 64 1.19 6.85 11.89
N SER F 65 1.06 5.91 10.97
CA SER F 65 2.09 4.96 10.68
C SER F 65 1.76 4.18 9.41
N SER F 66 2.72 3.45 8.89
CA SER F 66 2.44 2.50 7.82
C SER F 66 2.19 1.15 8.51
N GLU F 67 0.94 0.95 8.94
CA GLU F 67 0.59 -0.25 9.70
C GLU F 67 0.91 -1.54 8.92
N GLY F 68 1.62 -2.45 9.54
CA GLY F 68 2.08 -3.67 8.91
C GLY F 68 3.59 -3.55 8.70
N ASN F 69 4.02 -2.49 8.05
CA ASN F 69 5.43 -2.33 7.71
C ASN F 69 6.40 -2.51 8.90
N GLY F 70 7.41 -3.38 8.74
CA GLY F 70 8.45 -3.60 9.73
C GLY F 70 9.28 -2.37 10.10
N ASN F 71 9.24 -1.41 9.18
CA ASN F 71 9.74 -0.06 9.40
C ASN F 71 8.90 0.90 10.25
N LEU F 72 7.64 0.59 10.36
CA LEU F 72 6.62 1.39 11.05
C LEU F 72 6.36 2.79 10.49
N GLY F 73 7.42 3.61 10.41
CA GLY F 73 7.25 4.96 9.91
C GLY F 73 6.28 5.74 10.82
N LEU F 74 6.45 5.65 12.11
CA LEU F 74 5.58 6.24 13.08
C LEU F 74 5.73 7.73 13.17
N LYS F 75 4.60 8.41 13.24
CA LYS F 75 4.61 9.84 13.44
C LYS F 75 3.72 10.09 14.58
N LEU F 76 4.24 10.78 15.60
CA LEU F 76 3.44 11.05 16.73
C LEU F 76 3.68 12.47 17.23
N ASN F 77 3.12 12.77 18.39
CA ASN F 77 3.22 14.11 19.03
C ASN F 77 4.31 14.10 20.11
N VAL F 78 5.03 15.21 20.22
CA VAL F 78 5.90 15.42 21.35
C VAL F 78 5.07 15.29 22.60
N GLY F 79 5.54 14.48 23.57
CA GLY F 79 4.78 14.24 24.77
C GLY F 79 4.20 12.84 24.81
N ASP F 80 3.98 12.23 23.65
CA ASP F 80 3.37 10.91 23.62
C ASP F 80 4.27 9.81 24.17
N LYS F 81 3.67 8.88 24.90
CA LYS F 81 4.40 7.76 25.48
C LYS F 81 4.29 6.57 24.49
N VAL F 82 5.31 5.76 24.34
CA VAL F 82 5.20 4.52 23.52
C VAL F 82 5.61 3.31 24.37
N SER F 83 5.04 2.15 24.04
CA SER F 83 5.38 0.89 24.72
C SER F 83 5.50 -0.23 23.70
N LEU F 84 6.70 -0.73 23.49
CA LEU F 84 7.02 -1.73 22.49
C LEU F 84 7.16 -3.13 23.03
N MSE F 85 6.44 -4.07 22.42
CA MSE F 85 6.55 -5.50 22.70
C MSE F 85 6.76 -6.21 21.40
O MSE F 85 6.42 -5.69 20.35
CB MSE F 85 5.30 -6.01 23.41
CG MSE F 85 5.08 -5.24 24.72
SE MSE F 85 3.48 -6.00 25.64
CE MSE F 85 4.33 -7.62 26.13
N GLY F 86 7.32 -7.40 21.48
CA GLY F 86 7.57 -8.23 20.26
C GLY F 86 7.11 -9.62 20.49
N THR F 87 6.68 -10.28 19.44
CA THR F 87 6.27 -11.67 19.49
C THR F 87 6.42 -12.31 18.12
N SER F 88 6.31 -13.63 18.02
CA SER F 88 6.33 -14.32 16.72
C SER F 88 4.95 -14.36 16.12
N LEU F 89 4.86 -14.79 14.85
CA LEU F 89 3.54 -15.04 14.22
C LEU F 89 2.63 -16.11 14.93
N ALA F 90 3.23 -16.99 15.74
CA ALA F 90 2.45 -17.94 16.53
C ALA F 90 2.46 -17.48 18.01
N ASP F 91 2.58 -16.16 18.19
CA ASP F 91 2.53 -15.49 19.48
C ASP F 91 3.50 -16.10 20.51
N ASN F 92 4.71 -16.41 20.05
CA ASN F 92 5.76 -16.93 20.90
C ASN F 92 5.34 -18.24 21.55
N SER F 93 4.39 -18.94 20.95
CA SER F 93 4.04 -20.29 21.35
C SER F 93 5.02 -21.39 20.96
N GLY F 94 5.77 -21.20 19.90
CA GLY F 94 6.78 -22.22 19.43
C GLY F 94 8.14 -21.60 19.50
N ASP F 95 8.66 -21.05 18.39
CA ASP F 95 9.79 -20.16 18.49
C ASP F 95 9.31 -18.93 19.25
N ALA F 96 10.25 -18.19 19.83
CA ALA F 96 9.94 -17.09 20.70
C ALA F 96 10.91 -16.03 20.26
N ALA F 97 10.40 -14.85 20.01
CA ALA F 97 11.21 -13.70 19.71
C ALA F 97 11.07 -12.74 20.85
N LEU F 98 12.19 -12.38 21.47
CA LEU F 98 12.16 -11.64 22.76
C LEU F 98 13.07 -10.47 22.72
N ILE F 99 12.49 -9.27 22.69
CA ILE F 99 13.25 -8.06 22.57
C ILE F 99 14.05 -7.86 23.84
N TYR F 100 15.30 -7.39 23.69
CA TYR F 100 16.12 -7.07 24.88
C TYR F 100 16.72 -5.70 24.96
N HIS F 101 16.62 -4.92 23.89
CA HIS F 101 17.09 -3.59 23.92
C HIS F 101 16.54 -2.77 22.79
N VAL F 102 16.36 -1.48 23.02
CA VAL F 102 15.99 -0.52 22.01
C VAL F 102 16.93 0.66 22.12
N GLN F 103 17.55 1.08 21.03
CA GLN F 103 18.48 2.19 21.11
C GLN F 103 18.44 3.11 19.87
N GLN F 104 18.93 4.32 20.00
CA GLN F 104 19.02 5.28 18.88
C GLN F 104 19.98 4.71 17.85
N TYR F 105 19.62 4.85 16.57
CA TYR F 105 20.44 4.35 15.47
C TYR F 105 20.84 5.51 14.58
N SER F 106 19.94 6.41 14.30
CA SER F 106 20.23 7.56 13.47
C SER F 106 19.39 8.69 13.93
N GLY F 107 19.82 9.90 13.64
CA GLY F 107 18.94 11.03 13.63
C GLY F 107 18.83 11.67 14.98
N ALA F 108 17.74 12.37 15.25
CA ALA F 108 17.63 13.12 16.48
C ALA F 108 17.28 12.23 17.69
N GLN F 109 17.52 12.70 18.89
CA GLN F 109 17.13 11.91 20.06
C GLN F 109 15.72 12.31 20.39
N VAL F 110 14.80 11.80 19.59
CA VAL F 110 13.39 12.07 19.77
C VAL F 110 12.91 11.47 21.09
N PHE F 111 13.31 10.22 21.30
CA PHE F 111 12.82 9.47 22.43
C PHE F 111 13.82 9.52 23.58
N ALA F 112 13.31 9.53 24.80
CA ALA F 112 14.10 9.27 25.98
C ALA F 112 14.64 7.86 25.84
N PRO F 113 15.74 7.54 26.55
CA PRO F 113 16.17 6.17 26.66
C PRO F 113 15.05 5.22 27.04
N PHE F 114 14.97 4.08 26.36
CA PHE F 114 13.89 3.18 26.60
C PHE F 114 14.09 2.48 27.96
N THR F 115 13.00 2.20 28.67
CA THR F 115 13.05 1.47 29.96
C THR F 115 12.36 0.15 29.77
N ALA F 116 12.97 -0.95 30.22
CA ALA F 116 12.32 -2.25 30.23
C ALA F 116 11.36 -2.36 31.41
N VAL F 117 10.15 -2.85 31.18
CA VAL F 117 9.18 -3.04 32.23
C VAL F 117 8.69 -4.45 32.15
N THR F 118 8.69 -5.15 33.27
CA THR F 118 8.16 -6.50 33.33
C THR F 118 6.70 -6.59 33.80
N ILE F 119 5.99 -7.57 33.28
CA ILE F 119 4.57 -7.74 33.58
C ILE F 119 4.47 -9.25 33.77
N GLU F 120 4.19 -9.73 34.97
CA GLU F 120 4.17 -11.20 35.18
C GLU F 120 2.77 -11.74 35.43
N GLN F 121 2.23 -12.44 34.44
CA GLN F 121 0.91 -13.14 34.46
C GLN F 121 -0.32 -12.22 34.50
N GLN F 141 3.28 -16.74 32.73
CA GLN F 141 3.74 -15.92 31.61
C GLN F 141 4.36 -14.60 32.04
N VAL F 142 5.62 -14.43 31.64
CA VAL F 142 6.32 -13.18 31.87
C VAL F 142 6.34 -12.33 30.59
N PHE F 143 6.03 -11.05 30.67
CA PHE F 143 6.10 -10.19 29.47
C PHE F 143 7.02 -9.05 29.79
N GLN F 144 7.54 -8.41 28.74
CA GLN F 144 8.42 -7.32 28.89
C GLN F 144 8.09 -6.24 27.87
N ALA F 145 7.93 -5.00 28.27
CA ALA F 145 7.68 -3.93 27.28
C ALA F 145 8.74 -2.94 27.41
N PHE F 146 8.98 -2.22 26.32
CA PHE F 146 10.08 -1.24 26.31
C PHE F 146 9.49 0.11 26.06
N GLU F 147 9.57 0.94 27.08
CA GLU F 147 8.77 2.14 27.18
C GLU F 147 9.61 3.43 27.07
N SER F 148 9.04 4.46 26.45
CA SER F 148 9.70 5.73 26.28
C SER F 148 8.70 6.85 26.11
N VAL F 149 9.19 8.08 26.01
CA VAL F 149 8.36 9.18 25.75
C VAL F 149 9.01 9.97 24.64
N ALA F 150 8.19 10.44 23.69
CA ALA F 150 8.69 11.41 22.70
C ALA F 150 8.97 12.77 23.40
N LYS F 151 10.24 13.02 23.68
CA LYS F 151 10.64 14.22 24.42
C LYS F 151 11.03 15.40 23.48
N SER F 152 11.45 15.11 22.26
CA SER F 152 11.89 16.15 21.33
C SER F 152 11.35 15.99 19.90
N ALA F 153 11.18 17.11 19.18
CA ALA F 153 10.69 17.10 17.81
C ALA F 153 11.80 16.66 16.93
N GLY F 154 11.48 15.96 15.86
CA GLY F 154 12.52 15.47 15.02
C GLY F 154 12.21 14.12 14.45
N SER F 155 13.19 13.59 13.75
CA SER F 155 13.11 12.27 13.20
C SER F 155 14.21 11.36 13.77
N GLU F 156 13.87 10.13 14.12
CA GLU F 156 14.85 9.21 14.70
C GLU F 156 14.72 7.80 14.17
N TYR F 157 15.81 7.12 13.92
CA TYR F 157 15.77 5.70 13.59
C TYR F 157 16.19 4.93 14.82
N LEU F 158 15.43 3.95 15.16
CA LEU F 158 15.71 3.08 16.35
C LEU F 158 16.06 1.71 15.93
N ALA F 159 16.99 1.13 16.65
CA ALA F 159 17.38 -0.23 16.46
C ALA F 159 16.91 -1.04 17.65
N THR F 160 16.25 -2.14 17.39
CA THR F 160 15.72 -3.01 18.42
C THR F 160 16.35 -4.36 18.31
N SER F 161 16.94 -4.89 19.40
CA SER F 161 17.60 -6.18 19.37
C SER F 161 16.72 -7.22 20.02
N PHE F 162 16.66 -8.40 19.44
CA PHE F 162 15.90 -9.50 20.03
C PHE F 162 16.64 -10.81 19.96
N ALA F 163 16.32 -11.73 20.86
CA ALA F 163 16.79 -13.06 20.84
C ALA F 163 15.71 -13.93 20.23
N LEU F 164 16.13 -14.93 19.47
CA LEU F 164 15.22 -15.87 18.82
C LEU F 164 15.54 -17.26 19.40
N TYR F 165 14.54 -17.91 19.93
CA TYR F 165 14.67 -19.24 20.54
C TYR F 165 13.77 -20.17 19.79
N THR F 166 14.24 -21.42 19.67
CA THR F 166 13.43 -22.50 19.20
C THR F 166 13.10 -23.37 20.37
N ARG F 167 12.24 -24.34 20.17
CA ARG F 167 11.87 -25.26 21.21
C ARG F 167 11.88 -26.64 20.62
N SER F 168 12.40 -27.62 21.38
CA SER F 168 12.47 -29.01 20.88
C SER F 168 11.81 -30.02 21.81
N GLN F 169 12.52 -30.56 22.78
CA GLN F 169 11.88 -31.45 23.73
C GLN F 169 11.11 -30.60 24.74
N ASN F 170 10.07 -29.90 24.28
CA ASN F 170 9.42 -28.84 25.07
C ASN F 170 10.41 -27.92 25.80
N ARG F 171 11.58 -27.73 25.21
CA ARG F 171 12.66 -26.94 25.82
C ARG F 171 13.12 -25.84 24.86
N LYS F 172 13.16 -24.59 25.34
CA LYS F 172 13.72 -23.48 24.55
C LYS F 172 15.20 -23.66 24.31
N SER F 173 15.66 -23.27 23.13
CA SER F 173 17.10 -23.18 22.91
C SER F 173 17.38 -21.99 22.04
N LEU F 174 18.52 -21.35 22.29
CA LEU F 174 18.88 -20.14 21.57
C LEU F 174 19.21 -20.42 20.12
N PHE F 175 18.67 -19.59 19.22
CA PHE F 175 18.98 -19.67 17.80
C PHE F 175 19.97 -18.59 17.48
N GLY F 176 19.68 -17.36 17.91
CA GLY F 176 20.57 -16.26 17.67
C GLY F 176 20.03 -14.94 18.19
N TYR F 177 20.88 -13.92 18.05
CA TYR F 177 20.56 -12.55 18.46
C TYR F 177 20.55 -11.69 17.18
N PHE F 178 19.54 -10.83 17.08
CA PHE F 178 19.26 -10.09 15.84
C PHE F 178 18.80 -8.71 16.19
N PHE F 179 18.84 -7.75 15.23
CA PHE F 179 18.27 -6.45 15.41
C PHE F 179 17.69 -5.97 14.08
N TRP F 180 16.71 -5.08 14.13
CA TRP F 180 16.21 -4.42 12.94
C TRP F 180 16.09 -2.99 13.29
N VAL F 181 15.96 -2.15 12.28
CA VAL F 181 15.88 -0.72 12.48
C VAL F 181 14.52 -0.20 12.02
N TRP F 182 13.93 0.69 12.76
CA TRP F 182 12.69 1.24 12.40
C TRP F 182 12.72 2.73 12.60
N GLN F 183 11.72 3.43 12.10
CA GLN F 183 11.75 4.91 11.93
C GLN F 183 10.57 5.58 12.59
N ALA F 184 10.87 6.65 13.31
CA ALA F 184 9.86 7.43 14.02
C ALA F 184 10.11 8.92 13.87
N ALA F 185 9.07 9.69 14.06
CA ALA F 185 9.17 11.14 14.03
C ALA F 185 8.13 11.73 14.99
N ALA F 186 8.52 12.80 15.66
CA ALA F 186 7.60 13.55 16.50
C ALA F 186 7.50 15.01 16.12
N ALA F 187 6.30 15.60 16.25
CA ALA F 187 6.13 17.01 16.07
C ALA F 187 5.42 17.64 17.31
#